data_2DWC
#
_entry.id   2DWC
#
_cell.length_a   103.734
_cell.length_b   212.518
_cell.length_c   120.605
_cell.angle_alpha   90.00
_cell.angle_beta   90.00
_cell.angle_gamma   90.00
#
_symmetry.space_group_name_H-M   'C 2 2 21'
#
loop_
_entity.id
_entity.type
_entity.pdbx_description
1 polymer '433aa long hypothetical phosphoribosylglycinamide formyl transferase'
2 non-polymer 'SULFATE ION'
3 non-polymer "ADENOSINE-5'-DIPHOSPHATE"
4 water water
#
_entity_poly.entity_id   1
_entity_poly.type   'polypeptide(L)'
_entity_poly.pdbx_seq_one_letter_code
;MVVMIKLRDELGTATTDSAQKILLLGSGELGKEIAIEAQRLGVEVVAVDRYANAPAMQVAHRSYVGNMMDKDFLWSVVER
EKPDAIIPEIEAINLDALFEFEKDGYFVVPNARATWIAMHRERLRETLVKEAKVPTSRYMYATTLDELYEACEKIGYPCH
TKAIMSSSGKGSYFVKGPEDIPKAWEEAKTKARGSAEKIIVEEHIDFDVEVTELAVRHFDENGEIVTTFPKPVGHYQIDG
DYHASWQPAEISEKAEREVYRIAKRITDVLGGLGIFGVEMFVKGDKVWANEVSPRPHDTGMVTLASHPPGFSEFALHLRA
VLGLPIPGEWVDGYRLFPMLIPAATHVIKAKVSGYSPRFRGLVKALSVPNATVRLFGKPEAYVGRRLGIALAWDKDVEVA
KRKAEMVAHMIELRTRSSDWHDQNYEKRKHLLR
;
_entity_poly.pdbx_strand_id   A,B
#
# COMPACT_ATOMS: atom_id res chain seq x y z
N VAL A 2 8.23 -17.23 27.41
CA VAL A 2 8.26 -17.53 25.95
C VAL A 2 7.08 -16.89 25.24
N VAL A 3 7.06 -17.04 23.93
CA VAL A 3 6.02 -16.49 23.08
C VAL A 3 4.71 -17.29 23.23
N MET A 4 3.63 -16.57 23.49
CA MET A 4 2.34 -17.19 23.70
C MET A 4 1.68 -17.77 22.45
N ILE A 5 2.09 -17.33 21.25
CA ILE A 5 1.41 -17.86 20.07
C ILE A 5 2.25 -18.86 19.32
N LYS A 6 1.62 -19.49 18.33
CA LYS A 6 2.34 -20.47 17.51
C LYS A 6 2.36 -20.10 16.03
N LEU A 7 3.20 -20.83 15.29
CA LEU A 7 3.31 -20.59 13.86
C LEU A 7 1.91 -20.74 13.24
N ARG A 8 1.57 -19.75 12.42
CA ARG A 8 0.24 -19.64 11.82
C ARG A 8 0.16 -20.09 10.36
N ASP A 9 -0.80 -20.94 10.07
CA ASP A 9 -0.99 -21.43 8.71
C ASP A 9 -2.31 -20.95 8.13
N GLU A 10 -3.10 -20.19 8.90
CA GLU A 10 -4.43 -19.88 8.41
C GLU A 10 -4.85 -18.47 8.79
N LEU A 11 -5.67 -17.86 7.95
CA LEU A 11 -6.28 -16.56 8.31
C LEU A 11 -7.75 -16.60 7.95
N GLY A 12 -8.56 -15.98 8.82
CA GLY A 12 -9.99 -15.83 8.52
C GLY A 12 -10.25 -14.45 7.88
N THR A 13 -11.47 -13.95 7.95
CA THR A 13 -11.82 -12.70 7.25
C THR A 13 -12.39 -11.61 8.18
N ALA A 14 -11.77 -10.45 8.14
CA ALA A 14 -12.23 -9.29 8.95
C ALA A 14 -13.73 -9.07 8.75
N THR A 15 -14.37 -8.62 9.83
CA THR A 15 -15.79 -8.29 9.93
C THR A 15 -16.68 -9.56 10.06
N THR A 16 -16.09 -10.76 9.97
CA THR A 16 -16.86 -12.02 10.13
C THR A 16 -16.34 -12.72 11.38
N ASP A 17 -16.99 -13.83 11.77
CA ASP A 17 -16.55 -14.50 12.99
C ASP A 17 -15.24 -15.26 12.80
N SER A 18 -14.72 -15.36 11.58
CA SER A 18 -13.42 -16.06 11.43
C SER A 18 -12.25 -15.07 11.50
N ALA A 19 -12.53 -13.81 11.70
CA ALA A 19 -11.45 -12.81 11.71
C ALA A 19 -10.33 -12.96 12.73
N GLN A 20 -9.10 -12.60 12.31
CA GLN A 20 -8.03 -12.38 13.27
C GLN A 20 -8.15 -10.89 13.57
N LYS A 21 -7.60 -10.43 14.70
CA LYS A 21 -7.73 -9.03 15.04
C LYS A 21 -6.50 -8.46 15.71
N ILE A 22 -6.05 -7.27 15.30
CA ILE A 22 -4.92 -6.66 15.98
C ILE A 22 -5.45 -5.42 16.67
N LEU A 23 -4.80 -5.07 17.79
CA LEU A 23 -5.23 -3.89 18.54
C LEU A 23 -4.03 -2.94 18.57
N LEU A 24 -4.14 -1.81 17.90
CA LEU A 24 -3.02 -0.86 17.87
C LEU A 24 -3.16 0.11 19.02
N LEU A 25 -2.14 0.15 19.90
CA LEU A 25 -2.19 1.11 21.01
C LEU A 25 -1.24 2.21 20.55
N GLY A 26 -1.82 3.26 20.00
CA GLY A 26 -1.05 4.35 19.38
C GLY A 26 -1.47 4.24 17.92
N SER A 27 -2.07 5.31 17.38
CA SER A 27 -2.61 5.32 16.03
C SER A 27 -1.97 6.31 15.07
N GLY A 28 -0.67 6.54 15.27
CA GLY A 28 0.07 7.46 14.41
C GLY A 28 0.38 6.90 13.04
N GLU A 29 1.25 7.58 12.30
CA GLU A 29 1.56 7.14 10.95
C GLU A 29 2.17 5.72 10.81
N LEU A 30 2.86 5.24 11.85
CA LEU A 30 3.45 3.89 11.78
C LEU A 30 2.28 2.88 11.93
N GLY A 31 1.39 3.16 12.87
CA GLY A 31 0.21 2.30 13.05
C GLY A 31 -0.66 2.29 11.78
N LYS A 32 -0.72 3.42 11.08
CA LYS A 32 -1.53 3.50 9.84
C LYS A 32 -1.02 2.53 8.79
N GLU A 33 0.30 2.43 8.64
CA GLU A 33 0.84 1.50 7.65
C GLU A 33 0.69 0.03 8.11
N ILE A 34 0.77 -0.21 9.41
CA ILE A 34 0.49 -1.56 9.92
C ILE A 34 -0.97 -1.87 9.60
N ALA A 35 -1.85 -0.89 9.81
CA ALA A 35 -3.29 -1.14 9.51
C ALA A 35 -3.54 -1.40 8.03
N ILE A 36 -2.85 -0.69 7.15
CA ILE A 36 -3.04 -0.93 5.72
C ILE A 36 -2.59 -2.36 5.34
N GLU A 37 -1.45 -2.82 5.87
CA GLU A 37 -1.05 -4.19 5.52
C GLU A 37 -2.04 -5.17 6.11
N ALA A 38 -2.53 -4.90 7.33
CA ALA A 38 -3.56 -5.80 7.89
C ALA A 38 -4.80 -5.82 6.98
N GLN A 39 -5.29 -4.64 6.57
CA GLN A 39 -6.45 -4.61 5.66
C GLN A 39 -6.15 -5.38 4.37
N ARG A 40 -4.91 -5.32 3.91
CA ARG A 40 -4.60 -6.02 2.68
C ARG A 40 -4.58 -7.55 2.84
N LEU A 41 -4.57 -8.01 4.08
CA LEU A 41 -4.59 -9.44 4.35
C LEU A 41 -5.97 -9.85 4.92
N GLY A 42 -6.91 -8.89 4.94
CA GLY A 42 -8.22 -9.22 5.50
C GLY A 42 -8.21 -9.42 7.00
N VAL A 43 -7.26 -8.76 7.69
CA VAL A 43 -7.16 -8.87 9.16
C VAL A 43 -7.90 -7.64 9.75
N GLU A 44 -8.64 -7.88 10.84
CA GLU A 44 -9.46 -6.83 11.47
C GLU A 44 -8.56 -5.96 12.31
N VAL A 45 -8.81 -4.66 12.26
CA VAL A 45 -7.93 -3.69 12.93
C VAL A 45 -8.72 -2.79 13.86
N VAL A 46 -8.32 -2.76 15.11
CA VAL A 46 -8.92 -1.84 16.07
C VAL A 46 -7.79 -0.89 16.47
N ALA A 47 -8.03 0.42 16.30
CA ALA A 47 -7.01 1.43 16.63
C ALA A 47 -7.39 2.28 17.80
N VAL A 48 -6.44 2.45 18.72
CA VAL A 48 -6.67 3.20 19.94
C VAL A 48 -5.66 4.36 20.03
N ASP A 49 -6.13 5.52 20.51
CA ASP A 49 -5.22 6.66 20.74
C ASP A 49 -5.96 7.66 21.63
N ARG A 50 -5.28 8.74 22.00
CA ARG A 50 -5.89 9.74 22.90
C ARG A 50 -6.70 10.78 22.17
N TYR A 51 -6.71 10.73 20.84
CA TYR A 51 -7.52 11.70 20.10
C TYR A 51 -8.21 10.94 18.96
N ALA A 52 -9.30 11.51 18.45
CA ALA A 52 -10.09 10.84 17.38
C ALA A 52 -9.56 11.12 15.99
N ASN A 53 -9.89 10.23 15.07
CA ASN A 53 -9.44 10.37 13.68
C ASN A 53 -7.94 10.41 13.51
N ALA A 54 -7.23 9.73 14.41
CA ALA A 54 -5.79 9.58 14.28
C ALA A 54 -5.55 8.83 12.96
N PRO A 55 -4.36 8.97 12.37
CA PRO A 55 -4.06 8.29 11.10
C PRO A 55 -4.52 6.83 10.97
N ALA A 56 -4.14 5.99 11.94
CA ALA A 56 -4.50 4.58 11.85
C ALA A 56 -6.00 4.34 12.08
N MET A 57 -6.66 5.21 12.85
CA MET A 57 -8.10 5.06 13.02
C MET A 57 -8.86 5.20 11.72
N GLN A 58 -8.36 6.08 10.83
CA GLN A 58 -9.03 6.31 9.57
C GLN A 58 -9.07 5.07 8.69
N VAL A 59 -8.00 4.27 8.79
CA VAL A 59 -7.91 3.04 7.98
C VAL A 59 -8.48 1.82 8.71
N ALA A 60 -8.50 1.88 10.03
CA ALA A 60 -9.00 0.75 10.83
C ALA A 60 -10.50 0.46 10.73
N HIS A 61 -10.87 -0.75 11.14
CA HIS A 61 -12.27 -1.09 11.14
C HIS A 61 -12.99 -0.36 12.24
N ARG A 62 -12.37 -0.20 13.41
CA ARG A 62 -13.06 0.47 14.55
C ARG A 62 -11.98 1.15 15.37
N SER A 63 -12.39 2.13 16.17
CA SER A 63 -11.40 2.82 16.99
C SER A 63 -11.95 3.06 18.41
N TYR A 64 -11.02 3.30 19.35
CA TYR A 64 -11.39 3.68 20.73
C TYR A 64 -10.55 4.90 21.06
N VAL A 65 -11.12 5.88 21.76
CA VAL A 65 -10.33 7.08 22.10
C VAL A 65 -10.34 7.18 23.62
N GLY A 66 -9.13 7.30 24.19
CA GLY A 66 -9.03 7.40 25.63
C GLY A 66 -7.60 7.62 26.08
N ASN A 67 -7.44 7.81 27.39
CA ASN A 67 -6.12 8.05 28.00
C ASN A 67 -5.39 6.69 28.09
N MET A 68 -4.36 6.59 27.27
CA MET A 68 -3.66 5.33 27.20
C MET A 68 -2.72 5.07 28.41
N MET A 69 -2.67 6.04 29.34
CA MET A 69 -1.96 5.81 30.59
C MET A 69 -2.95 5.26 31.62
N ASP A 70 -4.24 5.22 31.27
CA ASP A 70 -5.25 4.69 32.18
C ASP A 70 -5.44 3.19 32.01
N LYS A 71 -4.98 2.40 32.98
CA LYS A 71 -5.06 0.95 32.89
C LYS A 71 -6.47 0.39 32.70
N ASP A 72 -7.45 0.99 33.40
CA ASP A 72 -8.86 0.54 33.32
C ASP A 72 -9.44 0.78 31.90
N PHE A 73 -9.08 1.88 31.27
CA PHE A 73 -9.56 2.17 29.91
C PHE A 73 -8.99 1.09 28.99
N LEU A 74 -7.68 0.85 29.07
CA LEU A 74 -7.09 -0.17 28.20
C LEU A 74 -7.66 -1.55 28.46
N TRP A 75 -7.87 -1.92 29.72
CA TRP A 75 -8.46 -3.23 29.98
C TRP A 75 -9.86 -3.35 29.41
N SER A 76 -10.61 -2.26 29.46
CA SER A 76 -11.96 -2.34 28.93
C SER A 76 -11.91 -2.67 27.42
N VAL A 77 -11.00 -2.01 26.70
CA VAL A 77 -10.86 -2.25 25.28
C VAL A 77 -10.40 -3.69 25.03
N VAL A 78 -9.37 -4.12 25.77
CA VAL A 78 -8.86 -5.49 25.56
C VAL A 78 -9.91 -6.56 25.88
N GLU A 79 -10.66 -6.39 27.00
CA GLU A 79 -11.71 -7.36 27.32
C GLU A 79 -12.83 -7.36 26.27
N ARG A 80 -13.16 -6.19 25.73
CA ARG A 80 -14.19 -6.16 24.69
C ARG A 80 -13.71 -6.81 23.39
N GLU A 81 -12.46 -6.55 23.02
CA GLU A 81 -11.95 -6.96 21.70
C GLU A 81 -11.22 -8.30 21.56
N LYS A 82 -10.63 -8.74 22.65
CA LYS A 82 -9.87 -10.02 22.69
C LYS A 82 -9.06 -10.19 21.44
N PRO A 83 -8.10 -9.29 21.22
CA PRO A 83 -7.25 -9.34 20.01
C PRO A 83 -6.22 -10.45 20.00
N ASP A 84 -5.84 -10.85 18.79
CA ASP A 84 -4.77 -11.84 18.63
C ASP A 84 -3.40 -11.24 18.93
N ALA A 85 -3.25 -9.92 18.79
CA ALA A 85 -1.99 -9.24 19.12
C ALA A 85 -2.29 -7.84 19.61
N ILE A 86 -1.61 -7.43 20.67
CA ILE A 86 -1.71 -6.04 21.21
C ILE A 86 -0.38 -5.41 20.82
N ILE A 87 -0.47 -4.39 19.96
CA ILE A 87 0.69 -3.72 19.34
C ILE A 87 0.87 -2.29 19.83
N PRO A 88 1.74 -2.09 20.83
CA PRO A 88 1.99 -0.76 21.38
C PRO A 88 2.88 0.01 20.40
N GLU A 89 2.46 1.22 20.04
CA GLU A 89 3.19 1.97 19.06
C GLU A 89 3.96 3.13 19.68
N ILE A 90 3.72 3.34 20.97
CA ILE A 90 4.40 4.40 21.73
C ILE A 90 4.78 3.89 23.13
N GLU A 91 5.72 4.57 23.79
CA GLU A 91 6.12 4.16 25.15
C GLU A 91 5.16 4.72 26.20
N ALA A 92 4.46 5.82 25.89
CA ALA A 92 3.51 6.41 26.82
C ALA A 92 2.20 5.65 26.90
N ILE A 93 2.31 4.41 27.35
CA ILE A 93 1.17 3.54 27.51
C ILE A 93 1.36 3.04 28.93
N ASN A 94 0.26 2.76 29.61
CA ASN A 94 0.35 2.23 30.97
C ASN A 94 1.10 0.87 30.92
N LEU A 95 2.30 0.83 31.53
CA LEU A 95 3.11 -0.38 31.52
C LEU A 95 2.55 -1.54 32.33
N ASP A 96 1.94 -1.24 33.48
CA ASP A 96 1.36 -2.28 34.28
C ASP A 96 0.28 -3.00 33.47
N ALA A 97 -0.49 -2.21 32.71
CA ALA A 97 -1.55 -2.77 31.89
C ALA A 97 -0.96 -3.84 30.94
N LEU A 98 0.14 -3.49 30.28
CA LEU A 98 0.73 -4.44 29.34
C LEU A 98 1.13 -5.74 30.03
N PHE A 99 1.73 -5.65 31.22
CA PHE A 99 2.12 -6.88 31.89
C PHE A 99 0.89 -7.68 32.29
N GLU A 100 -0.18 -6.98 32.70
CA GLU A 100 -1.38 -7.69 33.10
C GLU A 100 -2.05 -8.37 31.91
N PHE A 101 -2.04 -7.74 30.73
CA PHE A 101 -2.65 -8.40 29.57
C PHE A 101 -1.91 -9.71 29.29
N GLU A 102 -0.61 -9.62 29.35
CA GLU A 102 0.23 -10.77 29.05
C GLU A 102 0.03 -11.90 30.07
N LYS A 103 -0.03 -11.55 31.34
CA LYS A 103 -0.24 -12.56 32.37
C LYS A 103 -1.58 -13.23 32.14
N ASP A 104 -2.55 -12.49 31.58
CA ASP A 104 -3.87 -13.05 31.33
C ASP A 104 -3.98 -13.77 29.99
N GLY A 105 -2.86 -14.01 29.31
CA GLY A 105 -2.90 -14.72 28.05
C GLY A 105 -2.99 -13.93 26.75
N TYR A 106 -2.96 -12.60 26.81
CA TYR A 106 -3.05 -11.82 25.55
C TYR A 106 -1.64 -11.57 25.07
N PHE A 107 -1.43 -11.66 23.76
CA PHE A 107 -0.10 -11.46 23.21
C PHE A 107 0.27 -10.00 23.06
N VAL A 108 1.18 -9.54 23.92
CA VAL A 108 1.68 -8.16 23.85
C VAL A 108 2.99 -8.21 23.09
N VAL A 109 3.09 -7.37 22.06
CA VAL A 109 4.25 -7.33 21.16
C VAL A 109 5.39 -6.45 21.59
N PRO A 110 6.65 -6.97 21.60
CA PRO A 110 7.17 -8.33 21.27
C PRO A 110 6.94 -9.15 22.58
N ASN A 111 6.96 -8.44 23.71
CA ASN A 111 6.57 -8.91 25.05
C ASN A 111 6.47 -7.64 25.88
N ALA A 112 5.83 -7.69 27.04
CA ALA A 112 5.63 -6.49 27.85
C ALA A 112 6.95 -5.97 28.39
N ARG A 113 7.80 -6.89 28.83
CA ARG A 113 9.10 -6.52 29.39
C ARG A 113 9.94 -5.64 28.45
N ALA A 114 9.90 -5.91 27.14
CA ALA A 114 10.70 -5.11 26.20
C ALA A 114 10.32 -3.65 26.19
N THR A 115 9.01 -3.37 26.29
CA THR A 115 8.58 -1.99 26.30
C THR A 115 8.99 -1.29 27.61
N TRP A 116 8.87 -2.01 28.70
CA TRP A 116 9.24 -1.51 30.00
C TRP A 116 10.76 -1.18 30.03
N ILE A 117 11.58 -2.07 29.48
CA ILE A 117 13.03 -1.84 29.44
C ILE A 117 13.38 -0.59 28.61
N ALA A 118 12.77 -0.49 27.44
CA ALA A 118 13.05 0.63 26.55
C ALA A 118 12.54 1.96 27.06
N MET A 119 11.68 1.90 28.05
CA MET A 119 11.07 3.06 28.69
C MET A 119 12.07 3.89 29.51
N HIS A 120 13.05 3.20 30.11
CA HIS A 120 14.05 3.79 30.99
C HIS A 120 15.48 3.71 30.45
N ARG A 121 16.09 4.87 30.21
CA ARG A 121 17.45 4.93 29.69
C ARG A 121 18.51 4.16 30.48
N GLU A 122 18.43 4.18 31.81
CA GLU A 122 19.43 3.45 32.56
C GLU A 122 19.19 1.94 32.42
N ARG A 123 17.93 1.53 32.58
CA ARG A 123 17.56 0.12 32.45
C ARG A 123 18.00 -0.35 31.08
N LEU A 124 17.72 0.45 30.06
CA LEU A 124 18.10 0.08 28.68
C LEU A 124 19.61 -0.02 28.50
N ARG A 125 20.34 1.01 28.93
CA ARG A 125 21.80 0.99 28.78
C ARG A 125 22.45 -0.18 29.52
N GLU A 126 22.02 -0.44 30.74
CA GLU A 126 22.59 -1.55 31.49
C GLU A 126 22.26 -2.90 30.86
N THR A 127 21.13 -2.98 30.17
CA THR A 127 20.75 -4.23 29.51
C THR A 127 21.71 -4.49 28.36
N LEU A 128 21.97 -3.43 27.58
CA LEU A 128 22.88 -3.52 26.46
C LEU A 128 24.30 -3.89 26.94
N VAL A 129 24.76 -3.24 28.01
CA VAL A 129 26.11 -3.51 28.51
C VAL A 129 26.26 -4.86 29.24
N LYS A 130 25.36 -5.12 30.18
CA LYS A 130 25.40 -6.34 31.00
C LYS A 130 24.80 -7.60 30.41
N GLU A 131 23.67 -7.49 29.72
CA GLU A 131 23.04 -8.69 29.16
C GLU A 131 23.38 -8.92 27.70
N ALA A 132 23.19 -7.92 26.86
CA ALA A 132 23.50 -8.11 25.45
C ALA A 132 25.00 -8.08 25.25
N LYS A 133 25.71 -7.41 26.15
CA LYS A 133 27.17 -7.32 26.04
C LYS A 133 27.62 -6.78 24.69
N VAL A 134 27.15 -5.58 24.36
CA VAL A 134 27.55 -4.97 23.11
C VAL A 134 28.22 -3.65 23.47
N PRO A 135 29.06 -3.15 22.59
CA PRO A 135 29.79 -1.88 22.77
C PRO A 135 28.89 -0.67 22.70
N THR A 136 29.10 0.28 23.61
CA THR A 136 28.33 1.51 23.61
C THR A 136 29.28 2.67 23.88
N SER A 137 28.76 3.89 23.79
CA SER A 137 29.54 5.08 24.09
C SER A 137 29.92 4.95 25.56
N ARG A 138 31.06 5.51 25.96
CA ARG A 138 31.44 5.48 27.37
C ARG A 138 30.44 6.37 28.07
N TYR A 139 30.04 6.03 29.29
CA TYR A 139 29.05 6.82 29.99
C TYR A 139 29.14 6.69 31.52
N MET A 140 28.46 7.59 32.21
CA MET A 140 28.35 7.52 33.67
C MET A 140 27.06 8.22 34.02
N TYR A 141 26.53 7.96 35.21
CA TYR A 141 25.28 8.60 35.63
C TYR A 141 25.57 9.69 36.66
N ALA A 142 24.65 10.63 36.78
CA ALA A 142 24.78 11.74 37.72
C ALA A 142 23.44 12.03 38.37
N THR A 143 23.41 12.10 39.69
CA THR A 143 22.18 12.36 40.45
C THR A 143 22.12 13.76 41.02
N THR A 144 23.26 14.44 41.06
CA THR A 144 23.35 15.80 41.60
C THR A 144 24.14 16.68 40.65
N LEU A 145 24.04 17.99 40.84
CA LEU A 145 24.77 18.92 40.00
C LEU A 145 26.27 18.71 40.10
N ASP A 146 26.76 18.38 41.29
CA ASP A 146 28.19 18.16 41.46
C ASP A 146 28.63 16.91 40.71
N GLU A 147 27.78 15.88 40.75
CA GLU A 147 28.09 14.64 40.04
C GLU A 147 28.12 14.91 38.54
N LEU A 148 27.27 15.83 38.08
CA LEU A 148 27.24 16.16 36.67
C LEU A 148 28.56 16.82 36.27
N TYR A 149 29.07 17.74 37.09
CA TYR A 149 30.36 18.35 36.74
C TYR A 149 31.44 17.30 36.66
N GLU A 150 31.43 16.38 37.60
CA GLU A 150 32.44 15.34 37.64
C GLU A 150 32.34 14.44 36.41
N ALA A 151 31.12 14.03 36.10
CA ALA A 151 30.88 13.17 34.94
C ALA A 151 31.38 13.77 33.64
N CYS A 152 30.95 15.01 33.33
CA CYS A 152 31.34 15.66 32.09
C CYS A 152 32.86 15.81 32.01
N GLU A 153 33.49 16.16 33.13
CA GLU A 153 34.93 16.31 33.15
C GLU A 153 35.64 14.98 32.94
N LYS A 154 35.14 13.93 33.59
CA LYS A 154 35.74 12.61 33.45
C LYS A 154 35.50 12.06 32.04
N ILE A 155 34.25 12.13 31.56
CA ILE A 155 33.95 11.63 30.22
C ILE A 155 34.73 12.44 29.18
N GLY A 156 34.74 13.77 29.35
CA GLY A 156 35.45 14.63 28.42
C GLY A 156 34.49 15.37 27.52
N TYR A 157 34.81 16.63 27.21
CA TYR A 157 33.96 17.44 26.35
C TYR A 157 34.32 17.23 24.88
N PRO A 158 33.33 17.31 23.98
CA PRO A 158 31.90 17.58 24.24
C PRO A 158 31.22 16.29 24.69
N CYS A 159 30.14 16.41 25.45
CA CYS A 159 29.41 15.20 25.86
C CYS A 159 27.89 15.39 25.83
N HIS A 160 27.17 14.28 25.81
CA HIS A 160 25.71 14.31 25.76
C HIS A 160 25.14 13.96 27.11
N THR A 161 24.21 14.77 27.59
CA THR A 161 23.54 14.50 28.84
C THR A 161 22.08 14.20 28.49
N LYS A 162 21.53 13.16 29.09
CA LYS A 162 20.14 12.76 28.80
C LYS A 162 19.41 12.37 30.07
N ALA A 163 18.17 12.83 30.22
CA ALA A 163 17.37 12.47 31.38
C ALA A 163 17.00 10.98 31.23
N ILE A 164 17.03 10.20 32.32
CA ILE A 164 16.69 8.79 32.23
C ILE A 164 15.20 8.58 31.92
N MET A 165 14.38 9.57 32.24
CA MET A 165 12.94 9.51 32.00
C MET A 165 12.32 8.26 32.61
N SER A 172 17.54 16.38 27.30
CA SER A 172 18.85 16.17 26.66
C SER A 172 19.56 17.47 26.32
N TYR A 173 20.88 17.44 26.38
CA TYR A 173 21.66 18.62 26.06
C TYR A 173 23.04 18.20 25.54
N PHE A 174 23.63 19.05 24.71
CA PHE A 174 24.96 18.81 24.18
C PHE A 174 25.90 19.83 24.87
N VAL A 175 26.60 19.37 25.89
CA VAL A 175 27.50 20.26 26.62
C VAL A 175 28.88 20.28 25.98
N LYS A 176 29.25 21.45 25.44
CA LYS A 176 30.54 21.60 24.76
C LYS A 176 31.63 22.04 25.70
N GLY A 177 31.22 22.50 26.88
CA GLY A 177 32.16 22.97 27.89
C GLY A 177 31.46 23.16 29.23
N PRO A 178 32.22 23.49 30.30
CA PRO A 178 31.64 23.69 31.63
C PRO A 178 30.53 24.72 31.67
N GLU A 179 30.60 25.73 30.81
CA GLU A 179 29.56 26.76 30.81
C GLU A 179 28.19 26.18 30.49
N ASP A 180 28.16 25.00 29.87
CA ASP A 180 26.89 24.35 29.53
C ASP A 180 26.33 23.45 30.62
N ILE A 181 27.13 23.18 31.64
CA ILE A 181 26.70 22.29 32.73
C ILE A 181 25.39 22.74 33.39
N PRO A 182 25.32 24.02 33.79
CA PRO A 182 24.08 24.50 34.42
C PRO A 182 22.85 24.30 33.55
N LYS A 183 22.98 24.59 32.26
CA LYS A 183 21.87 24.43 31.33
C LYS A 183 21.46 22.96 31.22
N ALA A 184 22.44 22.08 31.06
CA ALA A 184 22.16 20.66 30.95
C ALA A 184 21.44 20.15 32.19
N TRP A 185 21.85 20.62 33.36
CA TRP A 185 21.22 20.20 34.61
C TRP A 185 19.75 20.60 34.66
N GLU A 186 19.41 21.68 33.96
CA GLU A 186 18.04 22.16 33.89
C GLU A 186 17.30 21.55 32.71
N GLU A 187 18.05 20.92 31.80
CA GLU A 187 17.50 20.25 30.62
C GLU A 187 16.41 21.04 29.90
N GLU A 197 16.47 13.64 40.50
CA GLU A 197 16.86 13.83 39.11
C GLU A 197 18.06 12.95 38.74
N LYS A 198 17.90 12.16 37.69
CA LYS A 198 18.97 11.29 37.23
C LYS A 198 19.27 11.58 35.78
N ILE A 199 20.55 11.58 35.44
CA ILE A 199 21.00 11.88 34.09
C ILE A 199 22.11 10.94 33.65
N ILE A 200 22.11 10.58 32.37
CA ILE A 200 23.19 9.74 31.83
C ILE A 200 24.04 10.66 30.98
N VAL A 201 25.35 10.59 31.20
CA VAL A 201 26.32 11.41 30.50
C VAL A 201 27.12 10.54 29.58
N GLU A 202 27.11 10.86 28.31
CA GLU A 202 27.81 10.05 27.34
C GLU A 202 28.86 10.77 26.53
N GLU A 203 29.90 10.02 26.22
CA GLU A 203 31.00 10.45 25.38
C GLU A 203 30.45 10.68 23.98
N HIS A 204 30.92 11.75 23.33
CA HIS A 204 30.48 12.04 21.99
C HIS A 204 31.17 11.16 20.96
N ILE A 205 30.38 10.45 20.15
CA ILE A 205 30.95 9.61 19.10
C ILE A 205 30.89 10.39 17.78
N ASP A 206 32.05 10.63 17.17
CA ASP A 206 32.05 11.37 15.91
C ASP A 206 31.87 10.37 14.77
N PHE A 207 30.65 9.87 14.64
CA PHE A 207 30.35 8.86 13.64
C PHE A 207 30.20 9.36 12.21
N ASP A 208 30.37 8.43 11.27
CA ASP A 208 30.18 8.73 9.86
C ASP A 208 28.68 8.86 9.61
N VAL A 209 27.93 7.91 10.17
CA VAL A 209 26.48 7.85 9.98
C VAL A 209 25.84 7.09 11.13
N GLU A 210 24.56 7.36 11.39
CA GLU A 210 23.76 6.70 12.41
C GLU A 210 22.92 5.73 11.60
N VAL A 211 22.68 4.53 12.12
CA VAL A 211 21.87 3.58 11.37
C VAL A 211 20.85 2.93 12.26
N THR A 212 19.76 2.49 11.64
CA THR A 212 18.74 1.76 12.35
C THR A 212 18.74 0.36 11.70
N GLU A 213 18.93 -0.70 12.48
CA GLU A 213 18.86 -2.06 11.96
C GLU A 213 17.46 -2.57 12.37
N LEU A 214 16.64 -2.84 11.35
CA LEU A 214 15.25 -3.29 11.57
C LEU A 214 15.15 -4.83 11.67
N ALA A 215 15.83 -5.37 12.66
CA ALA A 215 15.85 -6.81 12.88
C ALA A 215 14.46 -7.29 13.23
N VAL A 216 14.01 -8.38 12.60
CA VAL A 216 12.70 -8.90 12.94
C VAL A 216 12.75 -10.35 13.44
N ARG A 217 12.13 -10.58 14.60
CA ARG A 217 12.02 -11.92 15.18
C ARG A 217 10.68 -12.50 14.72
N HIS A 218 10.71 -13.68 14.08
CA HIS A 218 9.49 -14.30 13.57
C HIS A 218 9.68 -15.80 13.46
N PHE A 219 8.59 -16.53 13.26
CA PHE A 219 8.72 -17.97 13.18
C PHE A 219 9.25 -18.45 11.85
N ASP A 220 9.99 -19.58 11.92
CA ASP A 220 10.41 -20.25 10.69
C ASP A 220 9.46 -21.43 10.55
N GLU A 221 9.63 -22.24 9.53
CA GLU A 221 8.66 -23.33 9.33
C GLU A 221 8.61 -24.42 10.39
N ASN A 222 9.67 -24.49 11.20
CA ASN A 222 9.74 -25.46 12.30
C ASN A 222 9.08 -24.90 13.55
N GLY A 223 8.67 -23.63 13.50
CA GLY A 223 8.06 -23.06 14.68
C GLY A 223 9.05 -22.44 15.65
N GLU A 224 10.34 -22.35 15.28
CA GLU A 224 11.30 -21.72 16.14
C GLU A 224 11.41 -20.27 15.70
N ILE A 225 11.88 -19.42 16.61
CA ILE A 225 11.99 -18.01 16.26
C ILE A 225 13.33 -17.68 15.66
N VAL A 226 13.33 -17.24 14.38
CA VAL A 226 14.58 -16.84 13.72
C VAL A 226 14.60 -15.32 13.67
N THR A 227 15.77 -14.75 13.42
CA THR A 227 15.91 -13.31 13.35
C THR A 227 16.39 -12.97 11.95
N THR A 228 15.68 -12.06 11.27
CA THR A 228 16.02 -11.73 9.87
C THR A 228 16.42 -10.27 9.78
N PHE A 229 17.44 -10.00 8.95
CA PHE A 229 18.01 -8.66 8.89
C PHE A 229 17.94 -7.91 7.60
N PRO A 230 17.17 -6.81 7.56
CA PRO A 230 17.09 -5.97 6.36
C PRO A 230 18.40 -5.21 6.29
N LYS A 231 18.64 -4.54 5.17
CA LYS A 231 19.86 -3.73 5.08
C LYS A 231 19.81 -2.58 6.06
N PRO A 232 20.97 -2.16 6.61
CA PRO A 232 20.95 -1.04 7.56
C PRO A 232 20.36 0.22 6.91
N VAL A 233 19.59 0.96 7.70
CA VAL A 233 18.99 2.21 7.28
C VAL A 233 19.78 3.39 7.84
N GLY A 234 20.30 4.24 6.97
CA GLY A 234 21.02 5.40 7.49
C GLY A 234 20.04 6.54 7.78
N HIS A 235 20.36 7.43 8.70
CA HIS A 235 19.47 8.58 8.93
C HIS A 235 20.19 9.72 9.62
N TYR A 236 19.58 10.88 9.60
CA TYR A 236 20.16 12.01 10.29
C TYR A 236 19.03 12.78 10.90
N GLN A 237 19.30 13.39 12.05
CA GLN A 237 18.26 14.15 12.71
C GLN A 237 18.73 15.45 13.34
N ILE A 238 17.77 16.36 13.51
CA ILE A 238 18.04 17.65 14.11
C ILE A 238 17.79 17.52 15.61
N ASP A 239 18.45 16.53 16.20
CA ASP A 239 18.33 16.26 17.63
C ASP A 239 16.89 16.04 18.06
N GLY A 240 16.55 14.78 18.32
CA GLY A 240 15.21 14.45 18.74
C GLY A 240 14.29 14.03 17.62
N ASP A 241 14.44 14.66 16.46
CA ASP A 241 13.57 14.33 15.33
C ASP A 241 14.33 13.89 14.08
N TYR A 242 14.01 12.70 13.59
CA TYR A 242 14.67 12.25 12.39
C TYR A 242 14.12 13.21 11.32
N HIS A 243 14.97 13.51 10.35
CA HIS A 243 14.62 14.41 9.28
C HIS A 243 14.66 13.69 7.93
N ALA A 244 15.62 12.79 7.76
CA ALA A 244 15.74 12.01 6.53
C ALA A 244 16.32 10.62 6.82
N SER A 245 15.95 9.61 6.02
CA SER A 245 16.48 8.26 6.21
C SER A 245 16.66 7.66 4.82
N TRP A 246 17.45 6.60 4.72
CA TRP A 246 17.70 5.99 3.41
C TRP A 246 18.21 4.57 3.61
N GLN A 247 18.08 3.77 2.57
CA GLN A 247 18.53 2.38 2.63
C GLN A 247 19.12 2.06 1.27
N PRO A 248 20.32 1.44 1.20
CA PRO A 248 21.15 1.02 2.33
C PRO A 248 22.08 2.12 2.81
N ALA A 249 22.49 2.05 4.07
CA ALA A 249 23.48 3.00 4.62
C ALA A 249 24.78 2.66 3.85
N GLU A 250 25.56 3.68 3.53
CA GLU A 250 26.80 3.46 2.79
C GLU A 250 27.94 3.20 3.78
N ILE A 251 27.94 1.99 4.32
CA ILE A 251 28.95 1.58 5.29
C ILE A 251 29.71 0.38 4.75
N SER A 252 30.86 0.06 5.33
CA SER A 252 31.65 -1.07 4.84
C SER A 252 31.00 -2.40 5.14
N GLU A 253 31.42 -3.44 4.41
CA GLU A 253 30.87 -4.76 4.67
C GLU A 253 31.19 -5.20 6.09
N LYS A 254 32.36 -4.80 6.61
CA LYS A 254 32.72 -5.21 7.96
C LYS A 254 31.79 -4.55 8.97
N ALA A 255 31.51 -3.26 8.77
CA ALA A 255 30.62 -2.51 9.66
C ALA A 255 29.23 -3.13 9.55
N GLU A 256 28.81 -3.44 8.32
CA GLU A 256 27.48 -4.03 8.12
C GLU A 256 27.34 -5.34 8.90
N ARG A 257 28.34 -6.23 8.80
CA ARG A 257 28.27 -7.49 9.54
C ARG A 257 28.23 -7.21 11.05
N GLU A 258 28.98 -6.21 11.49
CA GLU A 258 29.03 -5.90 12.92
C GLU A 258 27.66 -5.33 13.34
N VAL A 259 27.04 -4.57 12.45
CA VAL A 259 25.68 -4.03 12.77
C VAL A 259 24.74 -5.23 13.01
N TYR A 260 24.81 -6.24 12.16
CA TYR A 260 23.95 -7.40 12.34
C TYR A 260 24.27 -8.12 13.64
N ARG A 261 25.57 -8.32 13.92
CA ARG A 261 25.96 -8.99 15.16
C ARG A 261 25.43 -8.31 16.40
N ILE A 262 25.61 -7.00 16.49
CA ILE A 262 25.15 -6.24 17.64
C ILE A 262 23.62 -6.26 17.76
N ALA A 263 22.94 -6.08 16.62
CA ALA A 263 21.46 -6.10 16.65
C ALA A 263 20.99 -7.47 17.15
N LYS A 264 21.60 -8.54 16.65
CA LYS A 264 21.23 -9.89 17.09
C LYS A 264 21.42 -10.09 18.59
N ARG A 265 22.54 -9.63 19.14
CA ARG A 265 22.72 -9.79 20.58
C ARG A 265 21.62 -9.08 21.36
N ILE A 266 21.19 -7.92 20.87
CA ILE A 266 20.16 -7.11 21.55
C ILE A 266 18.77 -7.74 21.42
N THR A 267 18.41 -8.15 20.22
CA THR A 267 17.09 -8.76 20.05
C THR A 267 16.99 -10.13 20.70
N ASP A 268 18.13 -10.83 20.86
CA ASP A 268 18.10 -12.12 21.54
C ASP A 268 17.75 -11.87 23.03
N VAL A 269 18.23 -10.77 23.60
CA VAL A 269 17.93 -10.47 24.98
C VAL A 269 16.48 -10.00 25.15
N LEU A 270 16.00 -9.18 24.22
CA LEU A 270 14.63 -8.67 24.33
C LEU A 270 13.57 -9.75 24.09
N GLY A 271 13.84 -10.63 23.13
CA GLY A 271 12.95 -11.77 22.86
C GLY A 271 11.60 -11.42 22.18
N GLY A 272 10.68 -12.39 22.18
CA GLY A 272 9.34 -12.18 21.59
C GLY A 272 9.30 -12.24 20.08
N LEU A 273 8.23 -11.63 19.50
CA LEU A 273 8.08 -11.57 18.05
C LEU A 273 7.86 -10.13 17.65
N GLY A 274 8.39 -9.76 16.50
CA GLY A 274 8.20 -8.41 15.99
C GLY A 274 9.45 -7.77 15.47
N ILE A 275 9.31 -6.61 14.85
CA ILE A 275 10.45 -5.89 14.35
C ILE A 275 10.97 -4.93 15.44
N PHE A 276 12.28 -4.68 15.42
CA PHE A 276 12.93 -3.81 16.41
C PHE A 276 13.72 -2.76 15.62
N GLY A 277 13.84 -1.56 16.16
CA GLY A 277 14.63 -0.55 15.50
C GLY A 277 15.88 -0.41 16.37
N VAL A 278 16.93 -1.16 16.02
CA VAL A 278 18.19 -1.10 16.78
C VAL A 278 19.05 0.05 16.24
N GLU A 279 19.33 1.04 17.12
CA GLU A 279 20.07 2.24 16.74
C GLU A 279 21.56 2.12 17.04
N MET A 280 22.39 2.40 16.04
CA MET A 280 23.83 2.30 16.21
C MET A 280 24.53 3.46 15.54
N PHE A 281 25.77 3.70 15.96
CA PHE A 281 26.61 4.73 15.39
C PHE A 281 27.72 3.94 14.64
N VAL A 282 28.09 4.41 13.46
CA VAL A 282 29.11 3.75 12.67
C VAL A 282 30.21 4.72 12.28
N LYS A 283 31.46 4.31 12.50
CA LYS A 283 32.62 5.14 12.09
C LYS A 283 33.62 4.13 11.50
N GLY A 284 33.77 4.15 10.18
CA GLY A 284 34.63 3.18 9.53
C GLY A 284 34.06 1.80 9.79
N ASP A 285 34.87 0.88 10.28
CA ASP A 285 34.40 -0.46 10.58
C ASP A 285 33.91 -0.59 12.03
N LYS A 286 34.02 0.47 12.81
CA LYS A 286 33.62 0.40 14.22
C LYS A 286 32.14 0.73 14.43
N VAL A 287 31.48 -0.04 15.30
CA VAL A 287 30.06 0.20 15.54
C VAL A 287 29.74 0.25 17.03
N TRP A 288 28.96 1.25 17.43
CA TRP A 288 28.51 1.35 18.82
C TRP A 288 26.97 1.24 18.88
N ALA A 289 26.46 0.46 19.84
CA ALA A 289 25.00 0.37 20.04
C ALA A 289 24.60 1.65 20.78
N ASN A 290 23.48 2.26 20.40
CA ASN A 290 23.02 3.48 21.04
C ASN A 290 21.75 3.16 21.83
N GLU A 291 20.69 2.70 21.16
CA GLU A 291 19.49 2.35 21.91
C GLU A 291 18.64 1.44 21.01
N VAL A 292 17.41 1.16 21.41
CA VAL A 292 16.56 0.29 20.59
C VAL A 292 15.09 0.52 20.94
N SER A 293 14.25 0.52 19.90
CA SER A 293 12.80 0.67 20.12
C SER A 293 12.25 -0.70 19.74
N PRO A 294 11.45 -1.30 20.62
CA PRO A 294 10.91 -2.62 20.32
C PRO A 294 9.64 -2.59 19.43
N ARG A 295 9.74 -1.89 18.31
CA ARG A 295 8.59 -1.76 17.41
C ARG A 295 9.11 -1.05 16.16
N PRO A 296 8.27 -0.91 15.13
CA PRO A 296 8.66 -0.21 13.89
C PRO A 296 9.11 1.19 14.31
N HIS A 297 10.04 1.75 13.57
CA HIS A 297 10.61 3.05 13.89
C HIS A 297 10.42 4.01 12.70
N ASP A 298 10.29 5.31 12.98
CA ASP A 298 10.07 6.23 11.89
C ASP A 298 11.10 6.21 10.75
N THR A 299 12.38 6.08 11.08
CA THR A 299 13.41 6.05 10.02
C THR A 299 13.13 4.91 9.04
N GLY A 300 12.49 3.85 9.54
CA GLY A 300 12.18 2.72 8.66
C GLY A 300 11.08 2.96 7.65
N MET A 301 10.48 4.15 7.65
CA MET A 301 9.47 4.42 6.63
C MET A 301 10.08 4.31 5.21
N VAL A 302 11.41 4.38 5.12
CA VAL A 302 12.05 4.27 3.81
C VAL A 302 11.69 2.91 3.15
N THR A 303 11.44 1.89 3.98
CA THR A 303 11.12 0.54 3.47
C THR A 303 9.77 0.47 2.74
N LEU A 304 8.99 1.54 2.83
CA LEU A 304 7.74 1.63 2.05
C LEU A 304 8.11 1.66 0.57
N ALA A 305 9.37 2.04 0.26
CA ALA A 305 9.80 2.07 -1.16
C ALA A 305 11.01 1.18 -1.42
N SER A 306 11.87 1.01 -0.42
CA SER A 306 13.06 0.18 -0.66
C SER A 306 12.85 -1.32 -0.53
N HIS A 307 11.79 -1.75 0.16
CA HIS A 307 11.46 -3.15 0.25
C HIS A 307 10.33 -3.42 -0.73
N PRO A 308 10.17 -4.68 -1.17
CA PRO A 308 9.10 -4.99 -2.11
C PRO A 308 7.73 -4.88 -1.47
N PRO A 309 6.66 -4.88 -2.29
CA PRO A 309 5.32 -4.76 -1.70
C PRO A 309 4.98 -5.84 -0.70
N GLY A 310 4.31 -5.44 0.38
CA GLY A 310 3.95 -6.42 1.39
C GLY A 310 5.13 -6.74 2.28
N PHE A 311 6.24 -5.97 2.15
CA PHE A 311 7.42 -6.26 2.98
C PHE A 311 8.08 -5.05 3.63
N SER A 312 7.35 -3.94 3.76
CA SER A 312 7.92 -2.79 4.47
C SER A 312 8.07 -3.22 5.92
N GLU A 313 8.70 -2.38 6.73
CA GLU A 313 8.87 -2.75 8.13
C GLU A 313 7.52 -2.98 8.82
N PHE A 314 6.47 -2.32 8.33
CA PHE A 314 5.14 -2.49 8.89
C PHE A 314 4.55 -3.85 8.56
N ALA A 315 4.75 -4.32 7.32
CA ALA A 315 4.24 -5.64 6.93
C ALA A 315 5.08 -6.73 7.62
N LEU A 316 6.37 -6.47 7.79
CA LEU A 316 7.24 -7.46 8.46
C LEU A 316 6.77 -7.60 9.91
N HIS A 317 6.52 -6.47 10.56
CA HIS A 317 6.06 -6.50 11.95
C HIS A 317 4.73 -7.25 12.02
N LEU A 318 3.78 -6.92 11.14
CA LEU A 318 2.48 -7.56 11.16
C LEU A 318 2.60 -9.08 10.97
N ARG A 319 3.33 -9.50 9.94
CA ARG A 319 3.49 -10.93 9.73
C ARG A 319 4.12 -11.61 10.95
N ALA A 320 5.15 -10.98 11.51
CA ALA A 320 5.82 -11.60 12.67
C ALA A 320 4.86 -11.83 13.80
N VAL A 321 4.10 -10.76 14.15
CA VAL A 321 3.23 -10.87 15.31
C VAL A 321 1.96 -11.67 15.14
N LEU A 322 1.58 -11.98 13.90
CA LEU A 322 0.45 -12.87 13.66
C LEU A 322 0.99 -14.33 13.62
N GLY A 323 2.31 -14.50 13.71
CA GLY A 323 2.88 -15.86 13.63
C GLY A 323 3.13 -16.37 12.22
N LEU A 324 3.12 -15.49 11.21
CA LEU A 324 3.32 -15.88 9.82
C LEU A 324 4.80 -15.87 9.49
N PRO A 325 5.19 -16.64 8.47
CA PRO A 325 6.61 -16.67 8.07
C PRO A 325 6.99 -15.44 7.26
N ILE A 326 8.29 -15.24 7.10
CA ILE A 326 8.83 -14.13 6.32
C ILE A 326 10.02 -14.76 5.56
N PRO A 327 10.03 -14.70 4.23
CA PRO A 327 11.15 -15.28 3.48
C PRO A 327 12.45 -14.53 3.69
N GLY A 328 13.58 -15.23 3.60
CA GLY A 328 14.86 -14.52 3.75
C GLY A 328 15.96 -15.36 3.13
N GLU A 329 17.18 -14.84 3.11
CA GLU A 329 18.31 -15.55 2.50
C GLU A 329 19.45 -15.61 3.49
N TRP A 330 19.94 -16.81 3.77
CA TRP A 330 21.02 -16.97 4.70
C TRP A 330 22.35 -16.61 4.02
N VAL A 331 23.11 -15.74 4.66
CA VAL A 331 24.40 -15.31 4.14
C VAL A 331 25.38 -15.25 5.30
N ASP A 332 26.36 -16.16 5.30
CA ASP A 332 27.38 -16.20 6.34
C ASP A 332 26.85 -16.26 7.76
N GLY A 333 25.85 -17.11 7.97
CA GLY A 333 25.30 -17.23 9.32
C GLY A 333 24.20 -16.22 9.68
N TYR A 334 23.89 -15.31 8.77
CA TYR A 334 22.83 -14.32 9.04
C TYR A 334 21.70 -14.48 8.03
N ARG A 335 20.46 -14.49 8.51
CA ARG A 335 19.32 -14.62 7.59
C ARG A 335 18.96 -13.18 7.21
N LEU A 336 19.22 -12.83 5.95
CA LEU A 336 19.04 -11.46 5.47
C LEU A 336 17.75 -11.28 4.70
N PHE A 337 17.25 -10.05 4.70
CA PHE A 337 16.03 -9.75 3.97
C PHE A 337 16.46 -8.84 2.81
N PRO A 338 16.46 -9.35 1.56
CA PRO A 338 16.85 -8.57 0.38
C PRO A 338 16.07 -7.29 0.15
N MET A 339 16.78 -6.22 -0.17
CA MET A 339 16.20 -4.93 -0.50
C MET A 339 15.80 -4.98 -1.99
N LEU A 340 14.78 -4.22 -2.39
CA LEU A 340 14.37 -4.20 -3.80
C LEU A 340 15.11 -3.12 -4.58
N ILE A 341 15.17 -1.91 -4.04
CA ILE A 341 15.83 -0.77 -4.70
C ILE A 341 16.24 0.29 -3.66
N PRO A 342 17.38 0.98 -3.88
CA PRO A 342 17.70 1.98 -2.85
C PRO A 342 16.62 3.09 -2.81
N ALA A 343 16.38 3.61 -1.61
CA ALA A 343 15.36 4.64 -1.45
C ALA A 343 15.70 5.54 -0.29
N ALA A 344 14.92 6.60 -0.17
CA ALA A 344 15.14 7.58 0.90
C ALA A 344 13.82 8.28 1.25
N THR A 345 13.76 8.86 2.44
CA THR A 345 12.60 9.66 2.86
C THR A 345 13.06 11.00 3.39
N HIS A 346 12.15 11.98 3.39
CA HIS A 346 12.45 13.26 4.01
C HIS A 346 11.13 13.67 4.63
N VAL A 347 11.17 14.12 5.88
CA VAL A 347 9.93 14.46 6.57
C VAL A 347 9.31 15.75 6.05
N ILE A 348 8.00 15.87 6.24
CA ILE A 348 7.24 17.09 5.89
C ILE A 348 6.71 17.48 7.28
N LYS A 349 7.30 18.51 7.88
CA LYS A 349 6.93 18.90 9.26
C LYS A 349 6.18 20.22 9.33
N ALA A 350 5.23 20.34 10.26
CA ALA A 350 4.48 21.61 10.36
C ALA A 350 5.32 22.69 11.04
N LYS A 351 5.30 23.89 10.47
CA LYS A 351 5.99 25.04 11.06
C LYS A 351 4.92 25.92 11.74
N VAL A 352 3.66 25.51 11.63
CA VAL A 352 2.57 26.25 12.24
C VAL A 352 1.59 25.29 12.94
N SER A 353 0.61 25.82 13.66
CA SER A 353 -0.32 24.96 14.35
C SER A 353 -1.75 25.23 13.86
N GLY A 354 -2.70 24.39 14.27
CA GLY A 354 -4.07 24.61 13.88
C GLY A 354 -4.74 23.41 13.22
N TYR A 355 -6.04 23.51 13.08
CA TYR A 355 -6.87 22.45 12.50
C TYR A 355 -6.92 22.48 10.98
N SER A 356 -7.27 21.33 10.39
CA SER A 356 -7.49 21.18 8.95
C SER A 356 -6.29 21.53 8.09
N PRO A 357 -5.17 20.85 8.29
CA PRO A 357 -4.00 21.16 7.49
C PRO A 357 -4.21 21.06 5.99
N ARG A 358 -3.48 21.88 5.25
CA ARG A 358 -3.53 21.88 3.78
C ARG A 358 -2.09 21.90 3.29
N PHE A 359 -1.87 21.31 2.13
CA PHE A 359 -0.53 21.20 1.55
C PHE A 359 -0.58 21.70 0.11
N ARG A 360 0.34 22.60 -0.27
CA ARG A 360 0.36 23.03 -1.66
C ARG A 360 1.78 22.86 -2.23
N GLY A 361 1.93 23.15 -3.51
CA GLY A 361 3.21 22.95 -4.16
C GLY A 361 3.22 21.59 -4.82
N LEU A 362 2.04 20.93 -4.89
CA LEU A 362 1.99 19.59 -5.44
C LEU A 362 2.24 19.48 -6.96
N VAL A 363 1.93 20.51 -7.75
CA VAL A 363 2.21 20.38 -9.19
C VAL A 363 3.70 20.13 -9.38
N LYS A 364 4.52 20.95 -8.72
CA LYS A 364 5.97 20.72 -8.88
C LYS A 364 6.44 19.47 -8.13
N ALA A 365 6.00 19.33 -6.88
CA ALA A 365 6.44 18.21 -6.05
C ALA A 365 6.10 16.86 -6.64
N LEU A 366 4.88 16.71 -7.15
CA LEU A 366 4.47 15.43 -7.68
C LEU A 366 4.82 15.19 -9.14
N SER A 367 5.56 16.13 -9.71
CA SER A 367 6.01 15.92 -11.09
C SER A 367 7.43 15.35 -11.11
N VAL A 368 8.06 15.28 -9.96
CA VAL A 368 9.42 14.74 -9.87
C VAL A 368 9.36 13.22 -10.07
N PRO A 369 10.11 12.70 -11.07
CA PRO A 369 10.10 11.25 -11.32
C PRO A 369 10.70 10.43 -10.16
N ASN A 370 10.24 9.18 -10.04
CA ASN A 370 10.73 8.25 -9.02
C ASN A 370 10.58 8.73 -7.59
N ALA A 371 9.48 9.43 -7.30
CA ALA A 371 9.24 9.91 -5.96
C ALA A 371 7.74 10.11 -5.81
N THR A 372 7.30 10.21 -4.56
CA THR A 372 5.90 10.51 -4.29
C THR A 372 5.81 10.99 -2.84
N VAL A 373 4.60 11.27 -2.35
CA VAL A 373 4.47 11.64 -0.95
C VAL A 373 3.37 10.83 -0.28
N ARG A 374 3.45 10.75 1.06
CA ARG A 374 2.37 10.14 1.87
C ARG A 374 2.03 11.24 2.85
N LEU A 375 0.74 11.56 2.97
CA LEU A 375 0.27 12.60 3.86
C LEU A 375 -0.54 11.81 4.88
N PHE A 376 -0.20 12.02 6.14
CA PHE A 376 -0.72 11.15 7.20
C PHE A 376 -2.15 11.26 7.61
N GLY A 377 -2.81 12.37 7.25
CA GLY A 377 -4.20 12.55 7.63
C GLY A 377 -4.43 13.11 9.02
N LYS A 378 -3.38 13.65 9.66
CA LYS A 378 -3.57 14.20 11.01
C LYS A 378 -4.50 15.41 10.95
N PRO A 379 -5.54 15.39 11.79
CA PRO A 379 -6.49 16.51 11.74
C PRO A 379 -6.06 17.83 12.26
N GLU A 380 -4.97 17.84 13.01
CA GLU A 380 -4.49 19.09 13.59
C GLU A 380 -2.96 19.09 13.56
N ALA A 381 -2.39 20.27 13.35
CA ALA A 381 -0.95 20.38 13.31
C ALA A 381 -0.49 21.14 14.56
N TYR A 382 0.73 20.90 14.98
CA TYR A 382 1.31 21.68 16.08
C TYR A 382 2.73 21.87 15.56
N VAL A 383 3.38 22.94 15.99
CA VAL A 383 4.72 23.25 15.51
C VAL A 383 5.64 22.06 15.75
N GLY A 384 6.26 21.59 14.68
CA GLY A 384 7.15 20.45 14.76
C GLY A 384 6.50 19.09 14.49
N ARG A 385 5.18 19.06 14.36
CA ARG A 385 4.44 17.81 14.13
C ARG A 385 4.76 17.27 12.73
N ARG A 386 5.07 15.99 12.63
CA ARG A 386 5.34 15.41 11.32
C ARG A 386 3.96 15.14 10.65
N LEU A 387 3.72 15.77 9.50
CA LEU A 387 2.44 15.62 8.79
C LEU A 387 2.52 14.70 7.60
N GLY A 388 3.74 14.40 7.12
CA GLY A 388 3.83 13.51 5.96
C GLY A 388 5.30 13.21 5.64
N ILE A 389 5.56 12.51 4.54
CA ILE A 389 6.94 12.26 4.12
C ILE A 389 7.00 12.28 2.60
N ALA A 390 8.18 12.63 2.09
CA ALA A 390 8.44 12.51 0.68
C ALA A 390 9.26 11.18 0.62
N LEU A 391 9.00 10.36 -0.40
CA LEU A 391 9.67 9.08 -0.61
C LEU A 391 10.26 9.08 -2.01
N ALA A 392 11.51 8.65 -2.18
CA ALA A 392 12.12 8.65 -3.50
C ALA A 392 13.01 7.42 -3.62
N TRP A 393 13.13 6.91 -4.83
CA TRP A 393 13.94 5.71 -5.07
C TRP A 393 14.82 5.91 -6.30
N ASP A 394 15.97 5.24 -6.32
CA ASP A 394 16.90 5.38 -7.44
C ASP A 394 17.95 4.28 -7.29
N LYS A 395 18.59 3.90 -8.38
CA LYS A 395 19.65 2.90 -8.32
C LYS A 395 20.77 3.42 -7.42
N ASP A 396 20.90 4.73 -7.33
CA ASP A 396 21.93 5.40 -6.52
C ASP A 396 21.25 6.00 -5.27
N VAL A 397 21.58 5.47 -4.10
CA VAL A 397 20.98 5.95 -2.88
C VAL A 397 21.22 7.45 -2.63
N GLU A 398 22.32 8.00 -3.12
CA GLU A 398 22.52 9.43 -2.89
C GLU A 398 21.58 10.28 -3.75
N VAL A 399 21.22 9.78 -4.91
CA VAL A 399 20.30 10.46 -5.79
C VAL A 399 18.93 10.39 -5.11
N ALA A 400 18.61 9.23 -4.52
CA ALA A 400 17.30 9.10 -3.83
C ALA A 400 17.25 10.07 -2.66
N LYS A 401 18.34 10.18 -1.88
CA LYS A 401 18.37 11.12 -0.75
C LYS A 401 18.11 12.57 -1.17
N ARG A 402 18.84 13.06 -2.18
CA ARG A 402 18.63 14.44 -2.64
C ARG A 402 17.22 14.67 -3.18
N LYS A 403 16.73 13.69 -3.92
CA LYS A 403 15.40 13.78 -4.49
C LYS A 403 14.28 13.86 -3.43
N ALA A 404 14.35 13.05 -2.38
CA ALA A 404 13.32 13.09 -1.34
C ALA A 404 13.37 14.47 -0.65
N GLU A 405 14.58 14.97 -0.40
CA GLU A 405 14.71 16.28 0.23
C GLU A 405 14.10 17.35 -0.68
N MET A 406 14.39 17.25 -1.97
CA MET A 406 13.87 18.23 -2.93
C MET A 406 12.35 18.25 -2.96
N VAL A 407 11.74 17.08 -3.05
CA VAL A 407 10.27 16.99 -3.09
C VAL A 407 9.66 17.53 -1.79
N ALA A 408 10.23 17.16 -0.64
CA ALA A 408 9.70 17.66 0.64
C ALA A 408 9.78 19.19 0.70
N HIS A 409 10.89 19.75 0.24
CA HIS A 409 11.04 21.22 0.25
C HIS A 409 10.12 21.98 -0.72
N MET A 410 9.53 21.29 -1.70
CA MET A 410 8.61 21.94 -2.62
C MET A 410 7.20 22.11 -2.02
N ILE A 411 6.98 21.48 -0.86
CA ILE A 411 5.66 21.53 -0.25
C ILE A 411 5.51 22.58 0.84
N GLU A 412 4.44 23.38 0.76
CA GLU A 412 4.17 24.39 1.78
C GLU A 412 2.88 23.96 2.52
N LEU A 413 2.78 24.34 3.79
CA LEU A 413 1.63 23.92 4.62
C LEU A 413 0.94 25.11 5.26
N ARG A 414 -0.35 24.95 5.53
CA ARG A 414 -1.12 26.01 6.17
C ARG A 414 -2.20 25.25 6.98
N THR A 415 -2.81 25.92 7.95
CA THR A 415 -3.94 25.30 8.68
C THR A 415 -5.07 26.33 8.55
N ARG A 416 -6.20 26.06 9.21
CA ARG A 416 -7.39 26.89 9.13
C ARG A 416 -7.18 28.32 9.51
N SER A 417 -6.32 28.51 10.49
CA SER A 417 -6.03 29.82 11.05
C SER A 417 -4.56 30.19 10.94
N SER A 418 -3.91 29.85 9.84
CA SER A 418 -2.50 30.19 9.69
C SER A 418 -2.26 30.61 8.25
N ASP A 419 -1.06 31.12 8.01
CA ASP A 419 -0.69 31.49 6.65
C ASP A 419 0.18 30.33 6.19
N TRP A 420 0.50 30.34 4.90
CA TRP A 420 1.33 29.31 4.30
C TRP A 420 2.78 29.45 4.72
N HIS A 421 3.42 28.30 5.00
CA HIS A 421 4.82 28.29 5.40
C HIS A 421 5.54 27.18 4.66
N ASP A 422 6.81 27.43 4.32
CA ASP A 422 7.62 26.45 3.60
C ASP A 422 8.45 25.60 4.55
N VAL B 2 -16.51 17.75 -21.75
CA VAL B 2 -15.10 18.07 -21.36
C VAL B 2 -14.86 17.91 -19.85
N VAL B 3 -13.59 17.81 -19.49
CA VAL B 3 -13.16 17.67 -18.07
C VAL B 3 -13.54 18.93 -17.29
N MET B 4 -14.27 18.76 -16.18
CA MET B 4 -14.72 19.90 -15.41
C MET B 4 -13.80 20.35 -14.30
N ILE B 5 -12.75 19.57 -13.96
CA ILE B 5 -11.84 20.01 -12.92
C ILE B 5 -10.55 20.56 -13.61
N LYS B 6 -9.58 21.00 -12.82
CA LYS B 6 -8.35 21.52 -13.39
C LYS B 6 -7.15 20.95 -12.65
N LEU B 7 -5.97 21.29 -13.13
CA LEU B 7 -4.73 20.85 -12.51
C LEU B 7 -4.74 21.28 -11.04
N ARG B 8 -4.43 20.32 -10.16
CA ARG B 8 -4.44 20.51 -8.72
C ARG B 8 -3.07 20.66 -8.09
N ASP B 9 -2.91 21.68 -7.29
CA ASP B 9 -1.63 21.94 -6.63
C ASP B 9 -1.77 21.78 -5.12
N GLU B 10 -2.97 21.49 -4.64
CA GLU B 10 -3.16 21.46 -3.19
C GLU B 10 -4.06 20.32 -2.75
N LEU B 11 -3.83 19.86 -1.52
CA LEU B 11 -4.69 18.86 -0.90
C LEU B 11 -4.87 19.23 0.54
N GLY B 12 -6.10 19.05 1.00
CA GLY B 12 -6.45 19.21 2.41
C GLY B 12 -6.37 17.88 3.15
N THR B 13 -7.06 17.80 4.28
CA THR B 13 -6.95 16.60 5.16
C THR B 13 -8.28 15.96 5.46
N ALA B 14 -8.36 14.67 5.18
CA ALA B 14 -9.57 13.88 5.44
C ALA B 14 -10.02 14.07 6.89
N THR B 15 -11.35 14.01 7.07
CA THR B 15 -12.06 14.15 8.33
C THR B 15 -12.16 15.61 8.84
N THR B 16 -11.54 16.56 8.15
CA THR B 16 -11.60 17.96 8.53
C THR B 16 -12.28 18.71 7.41
N ASP B 17 -12.56 19.99 7.63
CA ASP B 17 -13.23 20.71 6.55
C ASP B 17 -12.33 21.04 5.36
N SER B 18 -11.02 20.75 5.41
CA SER B 18 -10.21 21.04 4.20
C SER B 18 -10.13 19.80 3.29
N ALA B 19 -10.79 18.72 3.67
CA ALA B 19 -10.69 17.49 2.89
C ALA B 19 -11.16 17.48 1.45
N GLN B 20 -10.43 16.71 0.62
CA GLN B 20 -10.91 16.39 -0.73
C GLN B 20 -11.63 15.04 -0.46
N LYS B 21 -12.54 14.63 -1.33
CA LYS B 21 -13.33 13.41 -1.07
C LYS B 21 -13.63 12.66 -2.37
N ILE B 22 -13.41 11.35 -2.36
CA ILE B 22 -13.80 10.56 -3.53
C ILE B 22 -14.98 9.68 -3.14
N LEU B 23 -15.84 9.36 -4.13
CA LEU B 23 -17.00 8.53 -3.90
C LEU B 23 -16.81 7.32 -4.82
N LEU B 24 -16.57 6.16 -4.21
CA LEU B 24 -16.38 4.92 -4.97
C LEU B 24 -17.74 4.24 -5.22
N LEU B 25 -18.16 4.10 -6.47
CA LEU B 25 -19.43 3.39 -6.76
C LEU B 25 -18.99 1.98 -7.13
N GLY B 26 -19.03 1.07 -6.14
CA GLY B 26 -18.50 -0.27 -6.35
C GLY B 26 -17.32 -0.34 -5.40
N SER B 27 -17.37 -1.28 -4.45
CA SER B 27 -16.34 -1.34 -3.42
C SER B 27 -15.61 -2.66 -3.38
N GLY B 28 -15.38 -3.24 -4.56
CA GLY B 28 -14.60 -4.49 -4.62
C GLY B 28 -13.10 -4.27 -4.41
N GLU B 29 -12.30 -5.28 -4.79
CA GLU B 29 -10.88 -5.22 -4.58
C GLU B 29 -10.18 -4.06 -5.30
N LEU B 30 -10.70 -3.65 -6.46
CA LEU B 30 -10.07 -2.56 -7.19
C LEU B 30 -10.34 -1.25 -6.43
N GLY B 31 -11.57 -1.09 -5.98
CA GLY B 31 -11.90 0.10 -5.20
C GLY B 31 -11.13 0.13 -3.88
N LYS B 32 -10.88 -1.05 -3.31
CA LYS B 32 -10.14 -1.09 -2.04
C LYS B 32 -8.73 -0.49 -2.22
N GLU B 33 -8.03 -0.86 -3.31
CA GLU B 33 -6.71 -0.30 -3.53
C GLU B 33 -6.75 1.21 -3.88
N ILE B 34 -7.81 1.68 -4.54
CA ILE B 34 -7.91 3.13 -4.77
C ILE B 34 -8.11 3.79 -3.38
N ALA B 35 -8.91 3.15 -2.53
CA ALA B 35 -9.13 3.73 -1.21
C ALA B 35 -7.85 3.78 -0.40
N ILE B 36 -7.03 2.75 -0.53
CA ILE B 36 -5.75 2.72 0.21
C ILE B 36 -4.83 3.85 -0.28
N GLU B 37 -4.73 4.08 -1.58
CA GLU B 37 -3.86 5.23 -1.98
C GLU B 37 -4.47 6.55 -1.52
N ALA B 38 -5.78 6.64 -1.58
CA ALA B 38 -6.43 7.90 -1.10
C ALA B 38 -6.08 8.11 0.38
N GLN B 39 -6.25 7.07 1.19
CA GLN B 39 -5.87 7.20 2.62
C GLN B 39 -4.42 7.59 2.77
N ARG B 40 -3.56 7.04 1.93
CA ARG B 40 -2.16 7.38 1.99
C ARG B 40 -1.83 8.84 1.62
N LEU B 41 -2.79 9.54 1.00
CA LEU B 41 -2.63 10.95 0.63
C LEU B 41 -3.55 11.82 1.52
N GLY B 42 -4.16 11.23 2.56
CA GLY B 42 -5.04 12.02 3.40
C GLY B 42 -6.33 12.46 2.71
N VAL B 43 -6.76 11.72 1.68
CA VAL B 43 -7.98 12.03 0.95
C VAL B 43 -9.15 11.24 1.56
N GLU B 44 -10.28 11.90 1.73
CA GLU B 44 -11.44 11.27 2.36
C GLU B 44 -12.11 10.33 1.37
N VAL B 45 -12.51 9.15 1.85
CA VAL B 45 -13.12 8.14 0.96
C VAL B 45 -14.50 7.69 1.43
N VAL B 46 -15.47 7.72 0.52
CA VAL B 46 -16.80 7.23 0.84
C VAL B 46 -16.99 6.09 -0.19
N ALA B 47 -17.33 4.90 0.33
CA ALA B 47 -17.46 3.71 -0.52
C ALA B 47 -18.89 3.24 -0.56
N VAL B 48 -19.37 2.96 -1.77
CA VAL B 48 -20.75 2.50 -1.97
C VAL B 48 -20.79 1.15 -2.64
N ASP B 49 -21.72 0.31 -2.21
CA ASP B 49 -21.93 -0.96 -2.91
C ASP B 49 -23.27 -1.55 -2.48
N ARG B 50 -23.62 -2.71 -3.02
CA ARG B 50 -24.92 -3.32 -2.71
C ARG B 50 -24.91 -4.19 -1.49
N TYR B 51 -23.74 -4.37 -0.87
CA TYR B 51 -23.69 -5.17 0.36
C TYR B 51 -22.77 -4.48 1.33
N ALA B 52 -22.88 -4.80 2.62
CA ALA B 52 -22.07 -4.13 3.62
C ALA B 52 -20.70 -4.79 3.80
N ASN B 53 -19.77 -4.00 4.35
CA ASN B 53 -18.41 -4.47 4.60
C ASN B 53 -17.70 -5.01 3.36
N ALA B 54 -18.02 -4.41 2.21
CA ALA B 54 -17.34 -4.75 0.97
C ALA B 54 -15.87 -4.33 1.19
N PRO B 55 -14.94 -4.91 0.44
CA PRO B 55 -13.51 -4.59 0.60
C PRO B 55 -13.16 -3.12 0.77
N ALA B 56 -13.62 -2.27 -0.14
CA ALA B 56 -13.26 -0.85 -0.04
C ALA B 56 -13.93 -0.14 1.13
N MET B 57 -15.10 -0.63 1.55
CA MET B 57 -15.81 -0.03 2.68
C MET B 57 -14.98 -0.23 3.97
N GLN B 58 -14.23 -1.33 4.07
CA GLN B 58 -13.46 -1.60 5.29
C GLN B 58 -12.32 -0.59 5.49
N VAL B 59 -11.78 -0.11 4.37
CA VAL B 59 -10.66 0.85 4.39
C VAL B 59 -11.15 2.31 4.33
N ALA B 60 -12.36 2.50 3.81
CA ALA B 60 -12.93 3.83 3.67
C ALA B 60 -13.29 4.51 4.98
N HIS B 61 -13.43 5.81 4.92
CA HIS B 61 -13.87 6.56 6.10
C HIS B 61 -15.36 6.30 6.39
N ARG B 62 -16.19 6.19 5.34
CA ARG B 62 -17.64 5.97 5.55
C ARG B 62 -18.17 5.14 4.39
N SER B 63 -19.34 4.53 4.57
CA SER B 63 -19.89 3.74 3.44
C SER B 63 -21.41 3.92 3.35
N TYR B 64 -21.97 3.60 2.18
CA TYR B 64 -23.41 3.60 1.96
C TYR B 64 -23.70 2.28 1.25
N VAL B 65 -24.81 1.64 1.59
CA VAL B 65 -25.18 0.35 0.99
C VAL B 65 -26.53 0.50 0.33
N GLY B 66 -26.61 0.10 -0.93
CA GLY B 66 -27.89 0.23 -1.61
C GLY B 66 -27.76 -0.29 -3.04
N ASN B 67 -28.89 -0.25 -3.74
CA ASN B 67 -29.01 -0.74 -5.11
C ASN B 67 -28.43 0.37 -6.05
N MET B 68 -27.27 0.07 -6.60
CA MET B 68 -26.59 1.08 -7.39
C MET B 68 -27.23 1.23 -8.79
N MET B 69 -28.31 0.46 -9.06
CA MET B 69 -29.06 0.65 -10.28
C MET B 69 -30.24 1.61 -9.99
N ASP B 70 -30.35 2.05 -8.72
CA ASP B 70 -31.43 2.97 -8.33
C ASP B 70 -30.91 4.40 -8.33
N LYS B 71 -31.35 5.18 -9.33
CA LYS B 71 -30.88 6.57 -9.45
C LYS B 71 -31.11 7.44 -8.22
N ASP B 72 -32.25 7.26 -7.54
CA ASP B 72 -32.59 8.07 -6.36
C ASP B 72 -31.60 7.79 -5.20
N PHE B 73 -31.23 6.51 -5.04
CA PHE B 73 -30.28 6.13 -3.99
C PHE B 73 -28.95 6.85 -4.24
N LEU B 74 -28.45 6.73 -5.47
CA LEU B 74 -27.19 7.36 -5.81
C LEU B 74 -27.26 8.87 -5.67
N TRP B 75 -28.36 9.49 -6.08
CA TRP B 75 -28.43 10.94 -5.91
C TRP B 75 -28.41 11.36 -4.43
N SER B 76 -29.05 10.55 -3.59
CA SER B 76 -29.08 10.89 -2.18
C SER B 76 -27.65 10.89 -1.64
N VAL B 77 -26.88 9.90 -2.04
CA VAL B 77 -25.49 9.85 -1.59
C VAL B 77 -24.68 11.03 -2.16
N VAL B 78 -24.81 11.27 -3.44
CA VAL B 78 -24.05 12.37 -4.05
C VAL B 78 -24.43 13.73 -3.45
N GLU B 79 -25.72 13.97 -3.21
CA GLU B 79 -26.09 15.24 -2.62
C GLU B 79 -25.57 15.38 -1.21
N ARG B 80 -25.56 14.29 -0.46
CA ARG B 80 -25.04 14.37 0.90
C ARG B 80 -23.55 14.64 0.96
N GLU B 81 -22.82 13.93 0.10
CA GLU B 81 -21.37 13.93 0.14
C GLU B 81 -20.62 14.98 -0.70
N LYS B 82 -21.23 15.37 -1.82
CA LYS B 82 -20.64 16.39 -2.73
C LYS B 82 -19.18 16.11 -2.92
N PRO B 83 -18.87 14.93 -3.50
CA PRO B 83 -17.50 14.51 -3.72
C PRO B 83 -16.75 15.27 -4.83
N ASP B 84 -15.40 15.27 -4.76
CA ASP B 84 -14.56 15.87 -5.84
C ASP B 84 -14.48 14.96 -7.06
N ALA B 85 -14.71 13.66 -6.86
CA ALA B 85 -14.74 12.71 -7.97
C ALA B 85 -15.64 11.56 -7.63
N ILE B 86 -16.45 11.17 -8.62
CA ILE B 86 -17.38 10.01 -8.52
C ILE B 86 -16.70 8.96 -9.41
N ILE B 87 -16.28 7.87 -8.78
CA ILE B 87 -15.49 6.82 -9.41
C ILE B 87 -16.23 5.51 -9.54
N PRO B 88 -16.83 5.27 -10.71
CA PRO B 88 -17.57 4.01 -10.94
C PRO B 88 -16.56 2.89 -11.05
N GLU B 89 -16.75 1.81 -10.28
CA GLU B 89 -15.83 0.69 -10.30
C GLU B 89 -16.40 -0.50 -11.07
N ILE B 90 -17.70 -0.42 -11.35
CA ILE B 90 -18.38 -1.46 -12.11
C ILE B 90 -19.27 -0.85 -13.18
N GLU B 91 -19.73 -1.71 -14.09
CA GLU B 91 -20.60 -1.26 -15.17
C GLU B 91 -22.07 -1.20 -14.70
N ALA B 92 -22.44 -2.06 -13.74
CA ALA B 92 -23.82 -2.12 -13.24
C ALA B 92 -24.21 -0.99 -12.29
N ILE B 93 -24.17 0.21 -12.84
CA ILE B 93 -24.53 1.39 -12.12
C ILE B 93 -25.59 2.09 -12.98
N ASN B 94 -26.51 2.80 -12.35
CA ASN B 94 -27.51 3.51 -13.13
C ASN B 94 -26.82 4.54 -14.03
N LEU B 95 -26.93 4.37 -15.36
CA LEU B 95 -26.25 5.30 -16.28
C LEU B 95 -26.88 6.69 -16.34
N ASP B 96 -28.21 6.79 -16.28
CA ASP B 96 -28.82 8.11 -16.27
C ASP B 96 -28.29 8.91 -15.06
N ALA B 97 -28.10 8.24 -13.93
CA ALA B 97 -27.61 8.97 -12.76
C ALA B 97 -26.27 9.62 -13.04
N LEU B 98 -25.36 8.84 -13.62
CA LEU B 98 -24.02 9.39 -13.93
C LEU B 98 -24.14 10.63 -14.83
N PHE B 99 -25.00 10.59 -15.84
CA PHE B 99 -25.10 11.76 -16.73
C PHE B 99 -25.70 12.92 -15.96
N GLU B 100 -26.64 12.65 -15.05
CA GLU B 100 -27.25 13.74 -14.28
C GLU B 100 -26.25 14.40 -13.32
N PHE B 101 -25.41 13.58 -12.67
CA PHE B 101 -24.41 14.13 -11.74
C PHE B 101 -23.52 15.12 -12.50
N GLU B 102 -23.07 14.68 -13.67
CA GLU B 102 -22.15 15.51 -14.47
C GLU B 102 -22.81 16.80 -14.90
N LYS B 103 -24.07 16.70 -15.34
CA LYS B 103 -24.83 17.88 -15.75
C LYS B 103 -24.97 18.86 -14.62
N ASP B 104 -24.99 18.35 -13.39
CA ASP B 104 -25.14 19.19 -12.21
C ASP B 104 -23.80 19.64 -11.63
N GLY B 105 -22.72 19.39 -12.36
CA GLY B 105 -21.43 19.85 -11.91
C GLY B 105 -20.59 18.93 -11.03
N TYR B 106 -20.92 17.63 -10.95
CA TYR B 106 -20.08 16.73 -10.17
C TYR B 106 -19.25 15.95 -11.17
N PHE B 107 -17.98 15.73 -10.82
CA PHE B 107 -17.04 15.10 -11.74
C PHE B 107 -17.13 13.57 -11.75
N VAL B 108 -17.71 13.05 -12.82
CA VAL B 108 -17.84 11.61 -13.06
C VAL B 108 -16.66 11.16 -13.92
N VAL B 109 -15.99 10.09 -13.46
CA VAL B 109 -14.76 9.59 -14.08
C VAL B 109 -14.98 8.45 -15.06
N PRO B 110 -14.38 8.52 -16.25
CA PRO B 110 -13.53 9.59 -16.82
C PRO B 110 -14.47 10.72 -17.29
N ASN B 111 -15.67 10.28 -17.68
CA ASN B 111 -16.86 11.13 -17.98
C ASN B 111 -18.00 10.09 -18.02
N ALA B 112 -19.22 10.57 -17.96
CA ALA B 112 -20.36 9.64 -17.94
C ALA B 112 -20.50 8.87 -19.24
N ARG B 113 -20.27 9.55 -20.37
CA ARG B 113 -20.43 8.91 -21.67
C ARG B 113 -19.55 7.68 -21.86
N ALA B 114 -18.33 7.71 -21.31
CA ALA B 114 -17.43 6.56 -21.48
C ALA B 114 -17.98 5.29 -20.89
N THR B 115 -18.63 5.37 -19.73
CA THR B 115 -19.20 4.18 -19.13
C THR B 115 -20.39 3.71 -19.94
N TRP B 116 -21.16 4.66 -20.44
CA TRP B 116 -22.34 4.32 -21.24
C TRP B 116 -21.91 3.68 -22.58
N ILE B 117 -20.82 4.15 -23.17
CA ILE B 117 -20.34 3.55 -24.41
C ILE B 117 -19.79 2.16 -24.18
N ALA B 118 -18.89 2.03 -23.21
CA ALA B 118 -18.23 0.75 -22.96
C ALA B 118 -19.13 -0.38 -22.54
N MET B 119 -20.31 -0.08 -22.05
CA MET B 119 -21.16 -1.16 -21.61
C MET B 119 -22.06 -1.75 -22.69
N HIS B 120 -21.96 -1.21 -23.90
CA HIS B 120 -22.79 -1.66 -25.03
C HIS B 120 -21.83 -2.06 -26.16
N ARG B 121 -21.78 -3.34 -26.49
CA ARG B 121 -20.83 -3.82 -27.48
C ARG B 121 -20.91 -3.13 -28.85
N GLU B 122 -22.11 -2.69 -29.25
CA GLU B 122 -22.25 -2.02 -30.54
C GLU B 122 -21.76 -0.57 -30.46
N ARG B 123 -22.16 0.16 -29.42
CA ARG B 123 -21.68 1.52 -29.30
C ARG B 123 -20.14 1.52 -29.21
N LEU B 124 -19.59 0.57 -28.48
CA LEU B 124 -18.14 0.50 -28.31
C LEU B 124 -17.42 0.14 -29.60
N ARG B 125 -17.87 -0.93 -30.25
CA ARG B 125 -17.22 -1.36 -31.48
C ARG B 125 -17.30 -0.25 -32.53
N GLU B 126 -18.46 0.39 -32.68
CA GLU B 126 -18.55 1.46 -33.66
C GLU B 126 -17.64 2.63 -33.30
N THR B 127 -17.46 2.87 -32.00
CA THR B 127 -16.57 3.95 -31.58
C THR B 127 -15.15 3.61 -32.01
N LEU B 128 -14.74 2.36 -31.79
CA LEU B 128 -13.38 1.96 -32.18
C LEU B 128 -13.17 2.02 -33.69
N VAL B 129 -14.16 1.55 -34.45
CA VAL B 129 -14.02 1.51 -35.90
C VAL B 129 -14.22 2.88 -36.57
N LYS B 130 -15.32 3.55 -36.27
CA LYS B 130 -15.62 4.84 -36.89
C LYS B 130 -14.93 6.07 -36.33
N GLU B 131 -14.75 6.14 -35.02
CA GLU B 131 -14.09 7.31 -34.46
C GLU B 131 -12.60 7.15 -34.14
N ALA B 132 -12.23 6.09 -33.42
CA ALA B 132 -10.82 5.91 -33.10
C ALA B 132 -10.07 5.47 -34.35
N LYS B 133 -10.76 4.72 -35.22
CA LYS B 133 -10.20 4.20 -36.46
C LYS B 133 -9.02 3.29 -36.19
N VAL B 134 -9.28 2.22 -35.44
CA VAL B 134 -8.25 1.26 -35.11
C VAL B 134 -8.68 -0.10 -35.60
N PRO B 135 -7.72 -0.98 -35.85
CA PRO B 135 -8.06 -2.31 -36.34
C PRO B 135 -8.77 -3.17 -35.30
N THR B 136 -9.73 -3.96 -35.76
CA THR B 136 -10.46 -4.84 -34.87
C THR B 136 -10.81 -6.08 -35.67
N SER B 137 -11.33 -7.08 -34.98
CA SER B 137 -11.78 -8.30 -35.64
C SER B 137 -12.90 -7.92 -36.60
N ARG B 138 -13.08 -8.69 -37.67
CA ARG B 138 -14.18 -8.42 -38.59
C ARG B 138 -15.44 -8.78 -37.86
N TYR B 139 -16.52 -8.05 -38.11
CA TYR B 139 -17.74 -8.35 -37.38
C TYR B 139 -19.01 -7.91 -38.14
N MET B 140 -20.14 -8.33 -37.59
CA MET B 140 -21.48 -8.01 -38.09
C MET B 140 -22.44 -8.13 -36.91
N TYR B 141 -23.57 -7.44 -36.98
CA TYR B 141 -24.54 -7.55 -35.90
C TYR B 141 -25.75 -8.33 -36.40
N ALA B 142 -26.49 -8.94 -35.48
CA ALA B 142 -27.70 -9.70 -35.84
C ALA B 142 -28.76 -9.35 -34.81
N THR B 143 -29.99 -9.12 -35.27
CA THR B 143 -31.09 -8.79 -34.39
C THR B 143 -32.14 -9.90 -34.44
N THR B 144 -31.98 -10.83 -35.38
CA THR B 144 -32.90 -11.95 -35.49
C THR B 144 -32.11 -13.21 -35.74
N LEU B 145 -32.75 -14.36 -35.55
CA LEU B 145 -32.09 -15.63 -35.80
C LEU B 145 -31.72 -15.70 -37.27
N ASP B 146 -32.59 -15.20 -38.13
CA ASP B 146 -32.33 -15.20 -39.57
C ASP B 146 -31.07 -14.40 -39.86
N GLU B 147 -30.92 -13.26 -39.20
CA GLU B 147 -29.74 -12.45 -39.42
C GLU B 147 -28.52 -13.13 -38.81
N LEU B 148 -28.72 -13.81 -37.70
CA LEU B 148 -27.62 -14.51 -37.04
C LEU B 148 -27.05 -15.59 -37.99
N TYR B 149 -27.93 -16.36 -38.64
CA TYR B 149 -27.46 -17.39 -39.57
C TYR B 149 -26.64 -16.80 -40.69
N GLU B 150 -27.16 -15.74 -41.30
CA GLU B 150 -26.46 -15.10 -42.41
C GLU B 150 -25.13 -14.51 -41.94
N ALA B 151 -25.15 -13.90 -40.75
CA ALA B 151 -23.94 -13.28 -40.21
C ALA B 151 -22.85 -14.33 -39.94
N CYS B 152 -23.19 -15.40 -39.24
CA CYS B 152 -22.20 -16.43 -38.96
C CYS B 152 -21.62 -17.02 -40.26
N GLU B 153 -22.49 -17.22 -41.26
CA GLU B 153 -22.05 -17.75 -42.55
C GLU B 153 -21.12 -16.76 -43.24
N LYS B 154 -21.48 -15.48 -43.20
CA LYS B 154 -20.68 -14.46 -43.83
C LYS B 154 -19.34 -14.21 -43.14
N ILE B 155 -19.33 -14.30 -41.82
CA ILE B 155 -18.10 -14.08 -41.06
C ILE B 155 -17.16 -15.27 -41.22
N GLY B 156 -17.75 -16.46 -41.27
CA GLY B 156 -16.97 -17.68 -41.42
C GLY B 156 -16.76 -18.35 -40.08
N TYR B 157 -16.64 -19.67 -40.05
CA TYR B 157 -16.46 -20.37 -38.78
C TYR B 157 -14.98 -20.68 -38.56
N PRO B 158 -14.55 -20.77 -37.30
CA PRO B 158 -15.35 -20.59 -36.10
C PRO B 158 -15.51 -19.08 -35.87
N CYS B 159 -16.63 -18.66 -35.30
CA CYS B 159 -16.83 -17.25 -35.01
C CYS B 159 -17.34 -17.08 -33.58
N HIS B 160 -17.23 -15.86 -33.07
CA HIS B 160 -17.67 -15.56 -31.69
C HIS B 160 -18.95 -14.75 -31.72
N THR B 161 -19.96 -15.18 -30.98
CA THR B 161 -21.21 -14.42 -30.90
C THR B 161 -21.30 -13.87 -29.48
N LYS B 162 -21.64 -12.59 -29.36
CA LYS B 162 -21.72 -11.96 -28.04
C LYS B 162 -22.95 -11.08 -27.92
N ALA B 163 -23.61 -11.18 -26.77
CA ALA B 163 -24.79 -10.38 -26.50
C ALA B 163 -24.33 -8.92 -26.42
N ILE B 164 -25.10 -8.00 -27.01
CA ILE B 164 -24.72 -6.59 -27.03
C ILE B 164 -24.58 -5.94 -25.64
N MET B 165 -25.26 -6.50 -24.65
CA MET B 165 -25.18 -6.00 -23.28
C MET B 165 -25.14 -7.14 -22.28
N SER B 166 -24.19 -7.10 -21.36
CA SER B 166 -24.02 -8.13 -20.35
C SER B 166 -23.98 -9.52 -21.00
N GLY B 171 -23.10 -13.80 -21.90
CA GLY B 171 -23.92 -14.57 -22.84
C GLY B 171 -23.32 -14.73 -24.24
N SER B 172 -22.09 -15.22 -24.28
CA SER B 172 -21.36 -15.43 -25.53
C SER B 172 -21.34 -16.89 -25.95
N TYR B 173 -20.86 -17.15 -27.18
CA TYR B 173 -20.78 -18.51 -27.66
C TYR B 173 -19.67 -18.65 -28.71
N PHE B 174 -19.03 -19.82 -28.75
CA PHE B 174 -18.00 -20.05 -29.75
C PHE B 174 -18.65 -20.95 -30.79
N VAL B 175 -19.10 -20.34 -31.88
CA VAL B 175 -19.78 -21.07 -32.97
C VAL B 175 -18.79 -21.74 -33.92
N LYS B 176 -18.73 -23.07 -33.87
CA LYS B 176 -17.81 -23.79 -34.73
C LYS B 176 -18.45 -24.18 -36.06
N GLY B 177 -19.78 -24.20 -36.07
CA GLY B 177 -20.49 -24.55 -37.28
C GLY B 177 -21.94 -24.15 -37.20
N PRO B 178 -22.67 -24.23 -38.32
CA PRO B 178 -24.09 -23.88 -38.39
C PRO B 178 -24.94 -24.54 -37.32
N GLU B 179 -24.51 -25.71 -36.85
CA GLU B 179 -25.27 -26.44 -35.83
C GLU B 179 -25.23 -25.73 -34.48
N ASP B 180 -24.28 -24.82 -34.31
CA ASP B 180 -24.14 -24.10 -33.06
C ASP B 180 -24.93 -22.80 -33.08
N ILE B 181 -25.39 -22.38 -34.25
CA ILE B 181 -26.12 -21.12 -34.36
C ILE B 181 -27.37 -21.07 -33.47
N PRO B 182 -28.20 -22.13 -33.48
CA PRO B 182 -29.37 -22.05 -32.61
C PRO B 182 -28.98 -21.94 -31.12
N LYS B 183 -27.92 -22.63 -30.72
CA LYS B 183 -27.44 -22.60 -29.35
C LYS B 183 -26.99 -21.17 -28.98
N ALA B 184 -26.32 -20.51 -29.92
CA ALA B 184 -25.84 -19.15 -29.70
C ALA B 184 -26.96 -18.13 -29.58
N TRP B 185 -28.04 -18.34 -30.34
CA TRP B 185 -29.18 -17.43 -30.31
C TRP B 185 -29.79 -17.49 -28.92
N GLU B 186 -29.66 -18.63 -28.26
CA GLU B 186 -30.17 -18.78 -26.91
C GLU B 186 -29.21 -18.09 -25.93
N GLU B 187 -28.01 -17.78 -26.41
CA GLU B 187 -26.96 -17.10 -25.63
C GLU B 187 -26.39 -18.00 -24.55
N GLU B 197 -33.25 -8.63 -28.85
CA GLU B 197 -31.98 -9.34 -28.72
C GLU B 197 -31.00 -8.93 -29.84
N LYS B 198 -29.90 -8.30 -29.44
CA LYS B 198 -28.89 -7.84 -30.38
C LYS B 198 -27.59 -8.63 -30.14
N ILE B 199 -26.93 -9.06 -31.20
CA ILE B 199 -25.71 -9.85 -31.07
C ILE B 199 -24.63 -9.35 -32.01
N ILE B 200 -23.37 -9.44 -31.59
CA ILE B 200 -22.27 -9.07 -32.47
C ILE B 200 -21.58 -10.38 -32.78
N VAL B 201 -21.31 -10.60 -34.07
CA VAL B 201 -20.65 -11.81 -34.53
C VAL B 201 -19.27 -11.41 -35.02
N GLU B 202 -18.23 -12.02 -34.46
CA GLU B 202 -16.87 -11.66 -34.84
C GLU B 202 -16.04 -12.81 -35.37
N GLU B 203 -15.11 -12.50 -36.27
CA GLU B 203 -14.20 -13.54 -36.76
C GLU B 203 -13.26 -13.96 -35.62
N HIS B 204 -12.81 -15.21 -35.65
CA HIS B 204 -11.90 -15.69 -34.62
C HIS B 204 -10.49 -15.22 -34.90
N ILE B 205 -9.87 -14.54 -33.92
CA ILE B 205 -8.51 -14.07 -34.09
C ILE B 205 -7.56 -15.08 -33.44
N ASP B 206 -6.61 -15.58 -34.23
CA ASP B 206 -5.64 -16.53 -33.69
C ASP B 206 -4.51 -15.64 -33.18
N PHE B 207 -4.53 -15.32 -31.89
CA PHE B 207 -3.49 -14.46 -31.35
C PHE B 207 -2.55 -15.23 -30.42
N ASP B 208 -1.39 -14.64 -30.17
CA ASP B 208 -0.38 -15.22 -29.30
C ASP B 208 -0.72 -14.90 -27.86
N VAL B 209 -1.16 -13.66 -27.63
CA VAL B 209 -1.50 -13.25 -26.27
C VAL B 209 -2.42 -12.06 -26.28
N GLU B 210 -3.18 -11.89 -25.20
CA GLU B 210 -4.07 -10.74 -25.08
C GLU B 210 -3.35 -9.81 -24.12
N VAL B 211 -3.47 -8.51 -24.34
CA VAL B 211 -2.81 -7.54 -23.47
C VAL B 211 -3.77 -6.43 -23.03
N THR B 212 -3.50 -5.88 -21.87
CA THR B 212 -4.31 -4.76 -21.39
C THR B 212 -3.34 -3.60 -21.36
N GLU B 213 -3.62 -2.52 -22.10
CA GLU B 213 -2.78 -1.35 -22.03
C GLU B 213 -3.47 -0.37 -21.07
N LEU B 214 -2.79 -0.06 -19.96
CA LEU B 214 -3.36 0.81 -18.92
C LEU B 214 -3.08 2.27 -19.15
N ALA B 215 -3.52 2.79 -20.31
CA ALA B 215 -3.30 4.21 -20.65
C ALA B 215 -3.99 5.13 -19.62
N VAL B 216 -3.27 6.14 -19.16
CA VAL B 216 -3.89 7.09 -18.21
C VAL B 216 -3.86 8.50 -18.71
N ARG B 217 -5.05 9.15 -18.74
CA ARG B 217 -5.20 10.53 -19.16
C ARG B 217 -5.11 11.38 -17.91
N HIS B 218 -4.27 12.41 -17.91
CA HIS B 218 -4.10 13.21 -16.69
C HIS B 218 -3.48 14.55 -17.09
N PHE B 219 -3.46 15.50 -16.16
CA PHE B 219 -2.86 16.81 -16.43
C PHE B 219 -1.35 16.73 -16.34
N ASP B 220 -0.70 17.49 -17.21
CA ASP B 220 0.76 17.60 -17.15
C ASP B 220 1.03 18.84 -16.33
N GLU B 221 2.31 19.12 -16.09
CA GLU B 221 2.66 20.26 -15.27
C GLU B 221 2.19 21.60 -15.79
N ASN B 222 1.96 21.68 -17.11
CA ASN B 222 1.48 22.91 -17.72
C ASN B 222 -0.02 23.08 -17.65
N GLY B 223 -0.73 22.10 -17.13
CA GLY B 223 -2.17 22.26 -17.05
C GLY B 223 -2.93 21.68 -18.23
N GLU B 224 -2.23 21.04 -19.17
CA GLU B 224 -2.94 20.42 -20.30
C GLU B 224 -3.06 18.93 -20.08
N ILE B 225 -3.98 18.31 -20.77
CA ILE B 225 -4.14 16.87 -20.61
C ILE B 225 -3.21 16.08 -21.50
N VAL B 226 -2.53 15.10 -20.92
CA VAL B 226 -1.66 14.20 -21.68
C VAL B 226 -2.04 12.75 -21.38
N THR B 227 -1.49 11.81 -22.15
CA THR B 227 -1.81 10.40 -21.92
C THR B 227 -0.47 9.67 -21.74
N THR B 228 -0.38 8.86 -20.69
CA THR B 228 0.86 8.15 -20.35
C THR B 228 0.63 6.67 -20.40
N PHE B 229 1.65 5.97 -20.90
CA PHE B 229 1.53 4.56 -21.16
C PHE B 229 2.40 3.60 -20.41
N PRO B 230 1.81 2.79 -19.51
CA PRO B 230 2.60 1.79 -18.77
C PRO B 230 2.97 0.67 -19.76
N LYS B 231 3.85 -0.24 -19.35
CA LYS B 231 4.16 -1.36 -20.24
C LYS B 231 2.90 -2.23 -20.38
N PRO B 232 2.67 -2.83 -21.56
CA PRO B 232 1.49 -3.69 -21.76
C PRO B 232 1.45 -4.84 -20.70
N VAL B 233 0.25 -5.22 -20.30
CA VAL B 233 0.06 -6.29 -19.33
C VAL B 233 -0.48 -7.52 -20.04
N GLY B 234 0.26 -8.62 -20.00
CA GLY B 234 -0.31 -9.80 -20.62
C GLY B 234 -1.26 -10.55 -19.68
N HIS B 235 -2.20 -11.33 -20.23
CA HIS B 235 -3.09 -12.11 -19.37
C HIS B 235 -3.82 -13.21 -20.12
N TYR B 236 -4.47 -14.10 -19.39
CA TYR B 236 -5.22 -15.14 -20.08
C TYR B 236 -6.62 -15.29 -19.46
N GLN B 237 -7.63 -15.12 -20.31
CA GLN B 237 -9.05 -15.18 -19.95
C GLN B 237 -9.66 -16.57 -20.03
N ILE B 238 -9.99 -17.13 -18.88
CA ILE B 238 -10.60 -18.46 -18.81
C ILE B 238 -12.08 -18.34 -18.45
N ASP B 239 -12.95 -18.52 -19.46
CA ASP B 239 -14.39 -18.45 -19.26
C ASP B 239 -14.83 -17.10 -18.65
N GLY B 240 -14.50 -16.03 -19.37
CA GLY B 240 -14.87 -14.69 -18.94
C GLY B 240 -14.19 -14.14 -17.71
N ASP B 241 -13.36 -14.94 -17.03
CA ASP B 241 -12.68 -14.45 -15.84
C ASP B 241 -11.16 -14.57 -15.98
N TYR B 242 -10.46 -13.49 -15.67
CA TYR B 242 -9.02 -13.53 -15.78
C TYR B 242 -8.53 -14.43 -14.64
N HIS B 243 -7.43 -15.12 -14.90
CA HIS B 243 -6.88 -16.06 -13.94
C HIS B 243 -5.48 -15.62 -13.54
N ALA B 244 -4.74 -15.03 -14.47
CA ALA B 244 -3.36 -14.59 -14.22
C ALA B 244 -3.02 -13.42 -15.13
N SER B 245 -2.14 -12.53 -14.70
CA SER B 245 -1.69 -11.41 -15.53
C SER B 245 -0.24 -11.14 -15.21
N TRP B 246 0.45 -10.40 -16.08
CA TRP B 246 1.84 -10.17 -15.80
C TRP B 246 2.29 -8.97 -16.57
N GLN B 247 3.41 -8.39 -16.13
CA GLN B 247 3.95 -7.21 -16.83
C GLN B 247 5.46 -7.37 -16.83
N PRO B 248 6.13 -7.11 -17.97
CA PRO B 248 5.57 -6.69 -19.25
C PRO B 248 5.18 -7.88 -20.11
N ALA B 249 4.25 -7.67 -21.02
CA ALA B 249 3.84 -8.73 -21.95
C ALA B 249 5.07 -9.02 -22.85
N GLU B 250 5.29 -10.27 -23.19
CA GLU B 250 6.43 -10.62 -24.02
C GLU B 250 6.06 -10.53 -25.48
N ILE B 251 6.00 -9.29 -25.98
CA ILE B 251 5.64 -9.01 -27.36
C ILE B 251 6.75 -8.19 -28.01
N SER B 252 6.77 -8.14 -29.35
CA SER B 252 7.80 -7.39 -30.05
C SER B 252 7.71 -5.91 -29.79
N GLU B 253 8.84 -5.25 -30.01
CA GLU B 253 8.94 -3.82 -29.83
C GLU B 253 7.99 -3.15 -30.84
N LYS B 254 7.84 -3.74 -32.02
CA LYS B 254 6.91 -3.18 -33.00
C LYS B 254 5.47 -3.30 -32.51
N ALA B 255 5.12 -4.46 -31.99
CA ALA B 255 3.77 -4.67 -31.48
C ALA B 255 3.53 -3.71 -30.30
N GLU B 256 4.55 -3.55 -29.46
CA GLU B 256 4.43 -2.67 -28.30
C GLU B 256 4.09 -1.25 -28.73
N ARG B 257 4.78 -0.75 -29.74
CA ARG B 257 4.48 0.60 -30.18
C ARG B 257 3.09 0.70 -30.81
N GLU B 258 2.66 -0.36 -31.46
CA GLU B 258 1.32 -0.36 -32.08
C GLU B 258 0.27 -0.38 -30.96
N VAL B 259 0.59 -1.09 -29.88
CA VAL B 259 -0.35 -1.15 -28.72
C VAL B 259 -0.54 0.28 -28.22
N TYR B 260 0.55 1.03 -28.05
CA TYR B 260 0.45 2.41 -27.59
C TYR B 260 -0.32 3.26 -28.60
N ARG B 261 -0.05 3.08 -29.89
CA ARG B 261 -0.73 3.88 -30.89
C ARG B 261 -2.25 3.65 -30.87
N ILE B 262 -2.66 2.39 -30.81
CA ILE B 262 -4.08 2.02 -30.81
C ILE B 262 -4.75 2.53 -29.52
N ALA B 263 -4.08 2.30 -28.39
CA ALA B 263 -4.64 2.79 -27.10
C ALA B 263 -4.82 4.32 -27.17
N LYS B 264 -3.85 5.05 -27.69
CA LYS B 264 -3.96 6.51 -27.75
C LYS B 264 -5.16 6.97 -28.58
N ARG B 265 -5.37 6.32 -29.72
CA ARG B 265 -6.50 6.69 -30.59
C ARG B 265 -7.82 6.45 -29.85
N ILE B 266 -7.87 5.39 -29.07
CA ILE B 266 -9.10 5.07 -28.33
C ILE B 266 -9.33 6.04 -27.17
N THR B 267 -8.30 6.25 -26.36
CA THR B 267 -8.51 7.16 -25.23
C THR B 267 -8.70 8.61 -25.66
N ASP B 268 -8.09 9.04 -26.76
CA ASP B 268 -8.32 10.42 -27.24
C ASP B 268 -9.82 10.57 -27.58
N VAL B 269 -10.45 9.52 -28.10
CA VAL B 269 -11.88 9.61 -28.39
C VAL B 269 -12.74 9.56 -27.10
N LEU B 270 -12.40 8.66 -26.17
CA LEU B 270 -13.23 8.57 -24.96
C LEU B 270 -13.09 9.82 -24.09
N GLY B 271 -11.88 10.37 -24.01
CA GLY B 271 -11.63 11.60 -23.28
C GLY B 271 -11.68 11.47 -21.75
N GLY B 272 -11.83 12.60 -21.07
CA GLY B 272 -11.91 12.61 -19.61
C GLY B 272 -10.56 12.50 -18.93
N LEU B 273 -10.57 12.10 -17.65
CA LEU B 273 -9.31 11.86 -16.92
C LEU B 273 -9.43 10.50 -16.26
N GLY B 274 -8.33 9.77 -16.15
CA GLY B 274 -8.39 8.46 -15.50
C GLY B 274 -7.64 7.38 -16.25
N ILE B 275 -7.50 6.22 -15.64
CA ILE B 275 -6.84 5.13 -16.33
C ILE B 275 -7.90 4.31 -17.09
N PHE B 276 -7.48 3.69 -18.21
CA PHE B 276 -8.35 2.90 -19.05
C PHE B 276 -7.69 1.54 -19.23
N GLY B 277 -8.47 0.48 -19.28
CA GLY B 277 -7.89 -0.83 -19.53
C GLY B 277 -8.24 -1.14 -20.99
N VAL B 278 -7.33 -0.81 -21.92
CA VAL B 278 -7.62 -1.11 -23.32
C VAL B 278 -7.17 -2.53 -23.65
N GLU B 279 -8.12 -3.38 -24.07
CA GLU B 279 -7.85 -4.78 -24.34
C GLU B 279 -7.51 -4.97 -25.81
N MET B 280 -6.42 -5.69 -26.08
CA MET B 280 -5.98 -5.94 -27.45
C MET B 280 -5.48 -7.36 -27.65
N PHE B 281 -5.54 -7.85 -28.90
CA PHE B 281 -5.01 -9.17 -29.21
C PHE B 281 -3.71 -8.93 -30.00
N VAL B 282 -2.69 -9.74 -29.74
CA VAL B 282 -1.41 -9.58 -30.44
C VAL B 282 -0.96 -10.88 -31.09
N LYS B 283 -0.56 -10.79 -32.36
CA LYS B 283 -0.04 -11.98 -33.06
C LYS B 283 1.16 -11.43 -33.83
N GLY B 284 2.36 -11.69 -33.32
CA GLY B 284 3.55 -11.15 -33.96
C GLY B 284 3.55 -9.63 -33.82
N ASP B 285 3.69 -8.91 -34.94
CA ASP B 285 3.68 -7.46 -34.89
C ASP B 285 2.27 -6.92 -35.10
N LYS B 286 1.31 -7.79 -35.41
CA LYS B 286 -0.06 -7.36 -35.65
C LYS B 286 -0.88 -7.23 -34.35
N VAL B 287 -1.62 -6.13 -34.25
CA VAL B 287 -2.43 -5.88 -33.04
C VAL B 287 -3.88 -5.54 -33.42
N TRP B 288 -4.83 -6.10 -32.68
CA TRP B 288 -6.25 -5.83 -32.91
C TRP B 288 -6.85 -5.29 -31.62
N ALA B 289 -7.68 -4.23 -31.70
CA ALA B 289 -8.34 -3.70 -30.50
C ALA B 289 -9.56 -4.54 -30.26
N ASN B 290 -9.76 -4.93 -28.99
CA ASN B 290 -10.88 -5.79 -28.67
C ASN B 290 -11.96 -4.97 -27.99
N GLU B 291 -11.67 -4.47 -26.79
CA GLU B 291 -12.67 -3.66 -26.11
C GLU B 291 -11.92 -2.77 -25.10
N VAL B 292 -12.64 -2.04 -24.27
CA VAL B 292 -11.93 -1.18 -23.31
C VAL B 292 -12.77 -0.97 -22.05
N SER B 293 -12.10 -0.94 -20.90
CA SER B 293 -12.82 -0.66 -19.65
C SER B 293 -12.36 0.74 -19.27
N PRO B 294 -13.29 1.69 -19.06
CA PRO B 294 -12.89 3.05 -18.71
C PRO B 294 -12.62 3.25 -17.22
N ARG B 295 -11.77 2.38 -16.69
CA ARG B 295 -11.43 2.40 -15.25
C ARG B 295 -10.40 1.33 -15.03
N PRO B 296 -9.82 1.28 -13.82
CA PRO B 296 -8.83 0.28 -13.45
C PRO B 296 -9.47 -1.10 -13.75
N HIS B 297 -8.66 -2.06 -14.15
CA HIS B 297 -9.13 -3.36 -14.56
C HIS B 297 -8.41 -4.43 -13.73
N ASP B 298 -9.07 -5.58 -13.53
CA ASP B 298 -8.43 -6.60 -12.71
C ASP B 298 -7.05 -7.08 -13.14
N THR B 299 -6.80 -7.18 -14.44
CA THR B 299 -5.49 -7.66 -14.91
C THR B 299 -4.40 -6.72 -14.46
N GLY B 300 -4.78 -5.46 -14.25
CA GLY B 300 -3.86 -4.44 -13.80
C GLY B 300 -3.41 -4.58 -12.36
N MET B 301 -3.95 -5.55 -11.61
CA MET B 301 -3.48 -5.72 -10.23
C MET B 301 -2.01 -6.06 -10.19
N VAL B 302 -1.48 -6.58 -11.29
CA VAL B 302 -0.03 -6.85 -11.31
C VAL B 302 0.80 -5.59 -10.97
N THR B 303 0.27 -4.40 -11.30
CA THR B 303 1.00 -3.17 -11.03
C THR B 303 1.16 -2.84 -9.53
N LEU B 304 0.48 -3.60 -8.67
CA LEU B 304 0.67 -3.47 -7.23
C LEU B 304 2.12 -3.92 -6.96
N ALA B 305 2.70 -4.72 -7.85
CA ALA B 305 4.08 -5.14 -7.60
C ALA B 305 5.07 -4.67 -8.69
N SER B 306 4.60 -4.58 -9.93
CA SER B 306 5.51 -4.18 -11.03
C SER B 306 5.71 -2.69 -11.15
N HIS B 307 4.81 -1.87 -10.61
CA HIS B 307 5.04 -0.44 -10.60
C HIS B 307 5.59 -0.04 -9.25
N PRO B 308 6.26 1.13 -9.16
CA PRO B 308 6.82 1.60 -7.88
C PRO B 308 5.73 2.03 -6.89
N PRO B 309 6.06 2.19 -5.59
CA PRO B 309 5.07 2.59 -4.62
C PRO B 309 4.36 3.89 -4.97
N GLY B 310 3.05 3.89 -4.74
CA GLY B 310 2.25 5.07 -5.06
C GLY B 310 1.99 5.20 -6.56
N PHE B 311 2.30 4.14 -7.33
CA PHE B 311 2.08 4.22 -8.78
C PHE B 311 1.40 3.00 -9.43
N SER B 312 0.71 2.17 -8.63
CA SER B 312 -0.05 1.07 -9.25
C SER B 312 -1.16 1.72 -10.09
N GLU B 313 -1.89 0.92 -10.85
CA GLU B 313 -2.96 1.49 -11.66
C GLU B 313 -3.96 2.23 -10.78
N PHE B 314 -4.11 1.80 -9.52
CA PHE B 314 -5.09 2.45 -8.63
C PHE B 314 -4.67 3.83 -8.22
N ALA B 315 -3.38 3.99 -7.92
CA ALA B 315 -2.83 5.26 -7.54
C ALA B 315 -2.74 6.15 -8.80
N LEU B 316 -2.50 5.55 -9.96
CA LEU B 316 -2.42 6.37 -11.21
C LEU B 316 -3.82 6.92 -11.47
N HIS B 317 -4.84 6.08 -11.29
CA HIS B 317 -6.21 6.53 -11.50
C HIS B 317 -6.55 7.64 -10.52
N LEU B 318 -6.28 7.40 -9.24
CA LEU B 318 -6.62 8.39 -8.23
C LEU B 318 -5.94 9.75 -8.50
N ARG B 319 -4.64 9.70 -8.77
CA ARG B 319 -3.94 10.95 -9.05
C ARG B 319 -4.56 11.66 -10.24
N ALA B 320 -4.80 10.89 -11.30
CA ALA B 320 -5.35 11.50 -12.51
C ALA B 320 -6.67 12.19 -12.21
N VAL B 321 -7.59 11.50 -11.49
CA VAL B 321 -8.92 12.10 -11.28
C VAL B 321 -9.05 13.18 -10.22
N LEU B 322 -8.00 13.36 -9.41
CA LEU B 322 -7.93 14.45 -8.44
C LEU B 322 -7.29 15.66 -9.15
N GLY B 323 -6.82 15.45 -10.40
CA GLY B 323 -6.16 16.51 -11.17
C GLY B 323 -4.67 16.65 -10.84
N LEU B 324 -4.07 15.64 -10.20
CA LEU B 324 -2.65 15.72 -9.83
C LEU B 324 -1.82 15.24 -11.03
N PRO B 325 -0.53 15.60 -11.04
CA PRO B 325 0.35 15.17 -12.13
C PRO B 325 0.84 13.74 -11.91
N ILE B 326 1.36 13.16 -12.98
CA ILE B 326 1.96 11.83 -12.93
C ILE B 326 3.24 11.91 -13.76
N PRO B 327 4.40 11.69 -13.12
CA PRO B 327 5.68 11.74 -13.86
C PRO B 327 5.76 10.68 -14.95
N GLY B 328 6.39 11.02 -16.07
CA GLY B 328 6.53 10.04 -17.13
C GLY B 328 7.88 10.20 -17.84
N GLU B 329 8.14 9.36 -18.82
CA GLU B 329 9.40 9.43 -19.57
C GLU B 329 9.08 9.46 -21.08
N TRP B 330 9.50 10.51 -21.78
CA TRP B 330 9.22 10.54 -23.21
C TRP B 330 10.16 9.61 -23.99
N VAL B 331 9.59 8.82 -24.89
CA VAL B 331 10.36 7.90 -25.71
C VAL B 331 9.70 7.76 -27.09
N ASP B 332 10.43 8.14 -28.13
CA ASP B 332 9.91 8.02 -29.49
C ASP B 332 8.52 8.63 -29.66
N GLY B 333 8.29 9.78 -29.03
CA GLY B 333 7.00 10.42 -29.16
C GLY B 333 5.90 9.93 -28.24
N TYR B 334 6.21 8.94 -27.40
CA TYR B 334 5.22 8.44 -26.45
C TYR B 334 5.68 8.74 -25.02
N ARG B 335 4.75 9.20 -24.19
CA ARG B 335 5.04 9.49 -22.80
C ARG B 335 4.77 8.14 -22.10
N LEU B 336 5.85 7.49 -21.65
CA LEU B 336 5.74 6.19 -21.03
C LEU B 336 5.84 6.25 -19.52
N PHE B 337 5.32 5.21 -18.87
CA PHE B 337 5.43 5.13 -17.41
C PHE B 337 6.37 3.93 -17.15
N PRO B 338 7.54 4.18 -16.61
CA PRO B 338 8.51 3.11 -16.37
C PRO B 338 8.09 2.08 -15.34
N MET B 339 8.31 0.81 -15.66
CA MET B 339 7.99 -0.30 -14.77
C MET B 339 9.17 -0.43 -13.77
N LEU B 340 8.93 -0.90 -12.53
CA LEU B 340 10.01 -1.05 -11.57
C LEU B 340 10.65 -2.43 -11.68
N ILE B 341 9.83 -3.47 -11.80
CA ILE B 341 10.34 -4.86 -11.89
C ILE B 341 9.24 -5.74 -12.49
N PRO B 342 9.61 -6.74 -13.31
CA PRO B 342 8.57 -7.59 -13.89
C PRO B 342 7.82 -8.29 -12.75
N ALA B 343 6.54 -8.55 -12.97
CA ALA B 343 5.75 -9.22 -11.92
C ALA B 343 4.55 -9.91 -12.51
N ALA B 344 3.84 -10.66 -11.68
CA ALA B 344 2.68 -11.37 -12.15
C ALA B 344 1.72 -11.59 -11.00
N THR B 345 0.49 -11.93 -11.34
CA THR B 345 -0.54 -12.25 -10.34
C THR B 345 -1.22 -13.55 -10.73
N HIS B 346 -1.83 -14.20 -9.76
CA HIS B 346 -2.66 -15.35 -10.04
C HIS B 346 -3.83 -15.25 -9.04
N VAL B 347 -5.05 -15.39 -9.53
CA VAL B 347 -6.21 -15.28 -8.64
C VAL B 347 -6.33 -16.40 -7.64
N ILE B 348 -7.05 -16.10 -6.55
CA ILE B 348 -7.36 -17.07 -5.49
C ILE B 348 -8.88 -17.02 -5.53
N LYS B 349 -9.49 -18.07 -6.09
CA LYS B 349 -10.96 -18.09 -6.25
C LYS B 349 -11.62 -19.14 -5.41
N ALA B 350 -12.84 -18.83 -4.94
CA ALA B 350 -13.56 -19.77 -4.10
C ALA B 350 -14.16 -20.87 -4.94
N LYS B 351 -14.11 -22.08 -4.42
CA LYS B 351 -14.68 -23.25 -5.08
C LYS B 351 -15.93 -23.65 -4.30
N VAL B 352 -16.22 -22.90 -3.25
CA VAL B 352 -17.39 -23.15 -2.43
C VAL B 352 -18.04 -21.83 -2.02
N SER B 353 -19.23 -21.91 -1.43
CA SER B 353 -19.91 -20.70 -1.02
C SER B 353 -20.02 -20.71 0.51
N GLY B 354 -20.43 -19.57 1.06
CA GLY B 354 -20.63 -19.48 2.48
C GLY B 354 -20.03 -18.24 3.12
N TYR B 355 -20.42 -18.00 4.36
CA TYR B 355 -19.93 -16.85 5.11
C TYR B 355 -18.62 -17.12 5.83
N SER B 356 -17.92 -16.03 6.18
CA SER B 356 -16.67 -16.10 6.97
C SER B 356 -15.58 -16.96 6.33
N PRO B 357 -15.12 -16.58 5.14
CA PRO B 357 -14.06 -17.40 4.50
C PRO B 357 -12.79 -17.49 5.31
N ARG B 358 -12.04 -18.60 5.14
CA ARG B 358 -10.78 -18.71 5.85
C ARG B 358 -9.82 -19.38 4.84
N PHE B 359 -8.55 -19.06 4.98
CA PHE B 359 -7.55 -19.50 4.01
C PHE B 359 -6.46 -20.24 4.73
N ARG B 360 -6.07 -21.40 4.23
CA ARG B 360 -4.94 -22.06 4.90
C ARG B 360 -3.86 -22.41 3.89
N GLY B 361 -2.77 -22.95 4.39
CA GLY B 361 -1.63 -23.23 3.51
C GLY B 361 -0.64 -22.10 3.55
N LEU B 362 -0.82 -21.15 4.50
CA LEU B 362 0.06 -19.97 4.57
C LEU B 362 1.49 -20.21 5.01
N VAL B 363 1.75 -21.26 5.80
CA VAL B 363 3.16 -21.48 6.19
C VAL B 363 3.96 -21.71 4.90
N LYS B 364 3.49 -22.60 4.04
CA LYS B 364 4.20 -22.82 2.75
C LYS B 364 4.09 -21.68 1.77
N ALA B 365 2.88 -21.15 1.62
CA ALA B 365 2.70 -20.11 0.61
C ALA B 365 3.46 -18.82 0.94
N LEU B 366 3.47 -18.42 2.21
CA LEU B 366 4.13 -17.16 2.58
C LEU B 366 5.63 -17.32 2.87
N SER B 367 6.15 -18.52 2.62
CA SER B 367 7.60 -18.76 2.80
C SER B 367 8.30 -18.64 1.43
N VAL B 368 7.51 -18.56 0.37
CA VAL B 368 8.06 -18.40 -0.99
C VAL B 368 8.62 -16.99 -1.14
N PRO B 369 9.91 -16.88 -1.48
CA PRO B 369 10.51 -15.54 -1.63
C PRO B 369 10.03 -14.79 -2.85
N ASN B 370 10.02 -13.45 -2.72
CA ASN B 370 9.63 -12.55 -3.81
C ASN B 370 8.18 -12.75 -4.22
N ALA B 371 7.32 -13.03 -3.25
CA ALA B 371 5.90 -13.14 -3.53
C ALA B 371 5.16 -12.82 -2.24
N THR B 372 3.87 -12.57 -2.37
CA THR B 372 3.05 -12.39 -1.19
C THR B 372 1.60 -12.57 -1.62
N VAL B 373 0.65 -12.39 -0.71
CA VAL B 373 -0.73 -12.51 -1.13
C VAL B 373 -1.52 -11.30 -0.62
N ARG B 374 -2.64 -11.03 -1.27
CA ARG B 374 -3.56 -9.97 -0.80
C ARG B 374 -4.89 -10.70 -0.71
N LEU B 375 -5.56 -10.58 0.44
CA LEU B 375 -6.84 -11.28 0.67
C LEU B 375 -7.80 -10.10 0.81
N PHE B 376 -8.90 -10.17 0.05
CA PHE B 376 -9.73 -8.98 -0.10
C PHE B 376 -10.65 -8.62 0.99
N GLY B 377 -10.92 -9.54 1.91
CA GLY B 377 -11.83 -9.15 2.99
C GLY B 377 -13.29 -9.38 2.70
N LYS B 378 -13.62 -10.09 1.61
CA LYS B 378 -15.05 -10.28 1.28
C LYS B 378 -15.66 -11.17 2.36
N PRO B 379 -16.77 -10.73 2.96
CA PRO B 379 -17.38 -11.51 4.04
C PRO B 379 -18.07 -12.79 3.68
N GLU B 380 -18.35 -12.96 2.42
CA GLU B 380 -19.02 -14.19 1.99
C GLU B 380 -18.44 -14.66 0.67
N ALA B 381 -18.42 -15.96 0.47
CA ALA B 381 -17.92 -16.51 -0.78
C ALA B 381 -19.04 -17.12 -1.59
N TYR B 382 -18.89 -17.08 -2.89
CA TYR B 382 -19.84 -17.81 -3.75
C TYR B 382 -18.92 -18.55 -4.73
N VAL B 383 -19.41 -19.64 -5.33
CA VAL B 383 -18.55 -20.40 -6.25
C VAL B 383 -18.09 -19.50 -7.38
N GLY B 384 -16.77 -19.43 -7.56
CA GLY B 384 -16.21 -18.58 -8.58
C GLY B 384 -15.84 -17.19 -8.09
N ARG B 385 -16.20 -16.82 -6.86
CA ARG B 385 -15.87 -15.46 -6.40
C ARG B 385 -14.37 -15.30 -6.18
N ARG B 386 -13.78 -14.19 -6.63
CA ARG B 386 -12.36 -13.98 -6.42
C ARG B 386 -12.21 -13.44 -4.99
N LEU B 387 -11.46 -14.16 -4.16
CA LEU B 387 -11.26 -13.78 -2.76
C LEU B 387 -9.89 -13.17 -2.49
N GLY B 388 -8.97 -13.28 -3.44
CA GLY B 388 -7.65 -12.68 -3.21
C GLY B 388 -6.75 -12.91 -4.41
N ILE B 389 -5.48 -12.53 -4.28
CA ILE B 389 -4.52 -12.79 -5.36
C ILE B 389 -3.16 -13.10 -4.79
N ALA B 390 -2.39 -13.90 -5.53
CA ALA B 390 -0.99 -14.09 -5.18
C ALA B 390 -0.25 -13.10 -6.12
N LEU B 391 0.79 -12.45 -5.60
CA LEU B 391 1.59 -11.47 -6.38
C LEU B 391 3.03 -11.98 -6.30
N ALA B 392 3.78 -11.92 -7.39
CA ALA B 392 5.16 -12.36 -7.34
C ALA B 392 5.97 -11.50 -8.31
N TRP B 393 7.25 -11.27 -7.99
CA TRP B 393 8.07 -10.45 -8.90
C TRP B 393 9.43 -11.13 -9.14
N ASP B 394 10.05 -10.77 -10.25
CA ASP B 394 11.36 -11.38 -10.58
C ASP B 394 11.90 -10.63 -11.78
N LYS B 395 13.22 -10.69 -11.95
CA LYS B 395 13.84 -10.08 -13.12
C LYS B 395 13.31 -10.74 -14.38
N ASP B 396 12.87 -11.98 -14.26
CA ASP B 396 12.36 -12.74 -15.39
C ASP B 396 10.86 -12.89 -15.20
N VAL B 397 10.09 -12.25 -16.08
CA VAL B 397 8.62 -12.31 -16.00
C VAL B 397 8.04 -13.72 -16.02
N GLU B 398 8.69 -14.67 -16.71
CA GLU B 398 8.16 -16.03 -16.73
C GLU B 398 8.33 -16.71 -15.38
N VAL B 399 9.40 -16.35 -14.66
CA VAL B 399 9.64 -16.89 -13.33
C VAL B 399 8.53 -16.31 -12.41
N ALA B 400 8.27 -15.02 -12.54
CA ALA B 400 7.19 -14.42 -11.71
C ALA B 400 5.83 -15.06 -12.01
N LYS B 401 5.51 -15.30 -13.30
CA LYS B 401 4.24 -15.96 -13.66
C LYS B 401 4.11 -17.33 -12.99
N ARG B 402 5.16 -18.14 -13.09
CA ARG B 402 5.10 -19.47 -12.49
C ARG B 402 5.02 -19.38 -10.99
N LYS B 403 5.75 -18.44 -10.40
CA LYS B 403 5.72 -18.32 -8.95
C LYS B 403 4.37 -17.86 -8.38
N ALA B 404 3.73 -16.88 -9.02
CA ALA B 404 2.41 -16.42 -8.56
C ALA B 404 1.44 -17.60 -8.64
N GLU B 405 1.50 -18.35 -9.73
CA GLU B 405 0.64 -19.53 -9.85
C GLU B 405 0.89 -20.54 -8.74
N MET B 406 2.17 -20.83 -8.45
CA MET B 406 2.49 -21.78 -7.42
C MET B 406 1.99 -21.33 -6.04
N VAL B 407 2.20 -20.05 -5.71
CA VAL B 407 1.72 -19.50 -4.43
C VAL B 407 0.18 -19.59 -4.33
N ALA B 408 -0.52 -19.21 -5.38
CA ALA B 408 -1.98 -19.31 -5.33
C ALA B 408 -2.43 -20.74 -5.10
N HIS B 409 -1.80 -21.68 -5.81
CA HIS B 409 -2.18 -23.08 -5.67
C HIS B 409 -1.87 -23.72 -4.32
N MET B 410 -1.04 -23.07 -3.49
CA MET B 410 -0.73 -23.56 -2.17
C MET B 410 -1.81 -23.20 -1.15
N ILE B 411 -2.73 -22.33 -1.56
CA ILE B 411 -3.76 -21.90 -0.62
C ILE B 411 -5.09 -22.65 -0.76
N GLU B 412 -5.62 -23.14 0.36
CA GLU B 412 -6.92 -23.82 0.35
C GLU B 412 -7.89 -22.93 1.10
N LEU B 413 -9.16 -23.01 0.73
CA LEU B 413 -10.17 -22.17 1.36
C LEU B 413 -11.40 -22.92 1.83
N ARG B 414 -12.05 -22.39 2.86
CA ARG B 414 -13.31 -22.99 3.28
C ARG B 414 -14.17 -21.87 3.83
N THR B 415 -15.44 -22.16 4.08
CA THR B 415 -16.29 -21.14 4.68
C THR B 415 -16.84 -21.74 5.97
N ARG B 416 -17.71 -21.00 6.63
CA ARG B 416 -18.24 -21.40 7.92
C ARG B 416 -18.96 -22.73 7.82
N SER B 417 -19.60 -22.95 6.69
CA SER B 417 -20.38 -24.14 6.42
C SER B 417 -19.89 -24.94 5.20
N SER B 418 -18.58 -25.12 5.06
CA SER B 418 -18.05 -25.90 3.94
C SER B 418 -16.79 -26.59 4.41
N ASP B 419 -16.28 -27.49 3.59
CA ASP B 419 -15.04 -28.16 3.94
C ASP B 419 -13.97 -27.42 3.15
N TRP B 420 -12.72 -27.79 3.40
CA TRP B 420 -11.59 -27.18 2.72
C TRP B 420 -11.49 -27.64 1.25
N HIS B 421 -11.14 -26.71 0.36
CA HIS B 421 -11.01 -26.99 -1.08
C HIS B 421 -9.77 -26.29 -1.64
N ASP B 422 -9.06 -26.98 -2.52
CA ASP B 422 -7.85 -26.44 -3.15
C ASP B 422 -8.12 -25.35 -4.18
N GLN B 423 -7.09 -24.56 -4.46
CA GLN B 423 -7.14 -23.43 -5.40
C GLN B 423 -7.77 -22.16 -4.80
#